data_7Q69
#
_entry.id   7Q69
#
_cell.length_a   60.139
_cell.length_b   101.727
_cell.length_c   69.419
_cell.angle_alpha   90.000
_cell.angle_beta   107.330
_cell.angle_gamma   90.000
#
_symmetry.space_group_name_H-M   'P 1 21 1'
#
loop_
_entity.id
_entity.type
_entity.pdbx_description
1 polymer 'Thioredoxin domain-containing protein'
2 non-polymer 'SULFATE ION'
3 non-polymer GLYCEROL
4 water water
#
_entity_poly.entity_id   1
_entity_poly.type   'polypeptide(L)'
_entity_poly.pdbx_seq_one_letter_code
;GAMAPLQPGDSFPANVVFSYIPPTGSLDLTVSGRPIEYNASEALAKGTSVLVAVPGAFTPTCQEKHVTGFIAKLDQLRQA
GVDRVLFIASNDAFVMSAWGKANGIKDESILFLSDSDTAFSSSIGWANAGRTGRYAIVVKDGKVVYAAVDTVRGSTEKSG
VDAVLTVLGNQGKL
;
_entity_poly.pdbx_strand_id   A,B,C,D
#
loop_
_chem_comp.id
_chem_comp.type
_chem_comp.name
_chem_comp.formula
GOL non-polymer GLYCEROL 'C3 H8 O3'
SO4 non-polymer 'SULFATE ION' 'O4 S -2'
#
# COMPACT_ATOMS: atom_id res chain seq x y z
N GLY A 1 -37.88 5.96 6.55
CA GLY A 1 -38.84 7.09 6.73
C GLY A 1 -40.12 6.95 5.97
N ALA A 2 -40.91 8.04 5.90
CA ALA A 2 -42.21 7.97 5.24
C ALA A 2 -42.06 7.79 3.74
N MET A 3 -40.91 8.20 3.20
CA MET A 3 -40.69 8.05 1.76
C MET A 3 -40.28 6.64 1.37
N ALA A 4 -40.01 5.76 2.35
CA ALA A 4 -39.41 4.46 2.11
C ALA A 4 -40.47 3.40 1.84
N PRO A 5 -40.24 2.52 0.88
CA PRO A 5 -39.16 2.58 -0.13
C PRO A 5 -39.59 3.46 -1.31
N LEU A 6 -38.63 4.02 -2.05
CA LEU A 6 -38.95 4.65 -3.32
C LEU A 6 -39.14 3.56 -4.37
N GLN A 7 -40.18 3.67 -5.17
CA GLN A 7 -40.50 2.68 -6.19
C GLN A 7 -40.85 3.39 -7.49
N PRO A 8 -40.62 2.76 -8.64
CA PRO A 8 -41.07 3.35 -9.90
C PRO A 8 -42.51 3.80 -9.81
N GLY A 9 -42.79 4.96 -10.36
CA GLY A 9 -44.11 5.55 -10.33
C GLY A 9 -44.31 6.57 -9.22
N ASP A 10 -43.50 6.47 -8.16
CA ASP A 10 -43.48 7.54 -7.17
C ASP A 10 -42.93 8.81 -7.80
N SER A 11 -43.37 9.97 -7.29
CA SER A 11 -42.62 11.20 -7.51
C SER A 11 -41.36 11.17 -6.63
N PHE A 12 -40.31 11.81 -7.11
CA PHE A 12 -39.16 12.05 -6.24
C PHE A 12 -39.60 12.88 -5.03
N PRO A 13 -39.10 12.59 -3.83
CA PRO A 13 -39.61 13.29 -2.65
C PRO A 13 -39.38 14.79 -2.73
N ALA A 14 -40.19 15.52 -1.98
CA ALA A 14 -40.06 16.96 -1.89
C ALA A 14 -39.00 17.33 -0.84
N ASN A 15 -38.51 18.56 -0.95
CA ASN A 15 -37.65 19.17 0.06
C ASN A 15 -36.35 18.40 0.24
N VAL A 16 -35.83 17.82 -0.83
CA VAL A 16 -34.56 17.12 -0.78
C VAL A 16 -33.45 18.09 -1.16
N VAL A 17 -32.47 18.25 -0.28
CA VAL A 17 -31.33 19.13 -0.51
C VAL A 17 -30.05 18.38 -0.22
N PHE A 18 -29.00 18.70 -0.99
CA PHE A 18 -27.66 18.22 -0.73
C PHE A 18 -26.71 19.41 -0.63
N SER A 19 -25.59 19.21 0.03
CA SER A 19 -24.54 20.23 0.16
C SER A 19 -23.40 19.88 -0.79
N TYR A 20 -22.94 20.86 -1.54
CA TYR A 20 -21.88 20.56 -2.50
C TYR A 20 -21.08 21.80 -2.84
N ILE A 21 -19.88 21.57 -3.36
CA ILE A 21 -18.99 22.62 -3.85
C ILE A 21 -19.06 22.59 -5.37
N PRO A 22 -19.57 23.63 -6.01
CA PRO A 22 -19.75 23.59 -7.47
C PRO A 22 -18.43 23.41 -8.19
N PRO A 23 -18.39 22.66 -9.29
CA PRO A 23 -17.16 22.57 -10.08
C PRO A 23 -16.85 23.88 -10.77
N THR A 24 -15.57 24.04 -11.14
CA THR A 24 -15.08 25.31 -11.66
C THR A 24 -14.28 25.18 -12.95
N GLY A 25 -14.10 23.96 -13.46
CA GLY A 25 -13.18 23.68 -14.54
C GLY A 25 -11.76 23.37 -14.10
N SER A 26 -11.45 23.52 -12.82
CA SER A 26 -10.12 23.25 -12.29
C SER A 26 -10.15 22.00 -11.44
N LEU A 27 -9.08 21.21 -11.55
CA LEU A 27 -8.94 19.98 -10.78
C LEU A 27 -8.02 20.15 -9.58
N ASP A 28 -7.70 21.38 -9.19
CA ASP A 28 -6.76 21.62 -8.11
C ASP A 28 -7.36 21.15 -6.80
N LEU A 29 -6.77 20.12 -6.20
CA LEU A 29 -7.32 19.54 -4.98
C LEU A 29 -7.11 20.43 -3.75
N THR A 30 -6.15 21.35 -3.79
CA THR A 30 -5.85 22.20 -2.66
C THR A 30 -6.70 23.47 -2.62
N VAL A 31 -7.63 23.63 -3.55
CA VAL A 31 -8.61 24.72 -3.51
C VAL A 31 -9.87 24.10 -2.94
N SER A 32 -10.19 24.45 -1.68
CA SER A 32 -11.24 23.72 -0.96
C SER A 32 -12.64 24.11 -1.42
N GLY A 33 -12.89 25.41 -1.62
CA GLY A 33 -14.20 25.88 -2.01
C GLY A 33 -15.11 26.24 -0.83
N ARG A 34 -16.37 26.47 -1.15
CA ARG A 34 -17.36 26.95 -0.18
C ARG A 34 -18.72 26.31 -0.47
N PRO A 35 -19.23 25.45 0.41
CA PRO A 35 -20.43 24.66 0.05
C PRO A 35 -21.69 25.51 -0.08
N ILE A 36 -22.54 25.09 -1.00
CA ILE A 36 -23.86 25.67 -1.18
C ILE A 36 -24.89 24.54 -1.20
N GLU A 37 -26.14 24.92 -1.03
CA GLU A 37 -27.22 23.95 -1.02
C GLU A 37 -27.69 23.67 -2.44
N TYR A 38 -27.85 22.39 -2.76
CA TYR A 38 -28.36 21.93 -4.04
C TYR A 38 -29.80 21.47 -3.81
N ASN A 39 -30.76 22.10 -4.48
CA ASN A 39 -32.15 21.70 -4.32
C ASN A 39 -32.42 20.60 -5.33
N ALA A 40 -32.30 19.36 -4.87
CA ALA A 40 -32.44 18.21 -5.77
C ALA A 40 -33.89 18.05 -6.22
N SER A 41 -34.85 18.36 -5.35
CA SER A 41 -36.25 18.20 -5.73
C SER A 41 -36.59 19.11 -6.90
N GLU A 42 -36.14 20.37 -6.86
CA GLU A 42 -36.38 21.28 -7.98
C GLU A 42 -35.63 20.82 -9.23
N ALA A 43 -34.35 20.46 -9.08
CA ALA A 43 -33.55 20.05 -10.23
C ALA A 43 -34.16 18.83 -10.92
N LEU A 44 -34.64 17.87 -10.15
CA LEU A 44 -35.10 16.61 -10.71
C LEU A 44 -36.51 16.67 -11.26
N ALA A 45 -37.24 17.79 -11.05
CA ALA A 45 -38.59 17.92 -11.60
C ALA A 45 -38.60 18.11 -13.12
N LYS A 46 -37.46 18.40 -13.73
CA LYS A 46 -37.38 18.58 -15.17
C LYS A 46 -36.17 17.82 -15.73
N GLY A 47 -36.40 17.09 -16.82
CA GLY A 47 -35.35 16.35 -17.46
C GLY A 47 -35.12 14.98 -16.87
N THR A 48 -34.06 14.33 -17.33
CA THR A 48 -33.69 12.99 -16.90
C THR A 48 -32.47 13.06 -16.01
N SER A 49 -32.59 12.53 -14.78
CA SER A 49 -31.52 12.59 -13.80
C SER A 49 -31.14 11.18 -13.34
N VAL A 50 -29.86 11.01 -13.05
CA VAL A 50 -29.34 9.79 -12.45
C VAL A 50 -28.70 10.17 -11.14
N LEU A 51 -29.20 9.59 -10.05
CA LEU A 51 -28.73 9.84 -8.69
C LEU A 51 -28.13 8.55 -8.16
N VAL A 52 -26.86 8.58 -7.81
CA VAL A 52 -26.16 7.39 -7.32
C VAL A 52 -25.63 7.71 -5.93
N ALA A 53 -25.92 6.84 -4.97
CA ALA A 53 -25.36 6.94 -3.63
C ALA A 53 -24.30 5.85 -3.46
N VAL A 54 -23.20 6.19 -2.80
CA VAL A 54 -22.13 5.24 -2.51
C VAL A 54 -21.83 5.27 -1.02
N PRO A 55 -21.44 4.15 -0.42
CA PRO A 55 -21.17 4.16 1.03
C PRO A 55 -20.10 5.15 1.47
N GLY A 56 -19.09 5.38 0.64
CA GLY A 56 -18.05 6.31 1.03
C GLY A 56 -17.14 6.76 -0.08
N ALA A 57 -16.85 8.06 -0.10
CA ALA A 57 -15.84 8.58 -1.01
C ALA A 57 -14.50 7.93 -0.71
N PHE A 58 -13.73 7.67 -1.77
CA PHE A 58 -12.37 7.14 -1.68
C PHE A 58 -12.30 5.71 -1.15
N THR A 59 -13.40 5.04 -0.93
CA THR A 59 -13.37 3.64 -0.52
C THR A 59 -13.32 2.73 -1.74
N PRO A 60 -12.78 1.51 -1.56
CA PRO A 60 -12.36 0.69 -2.72
C PRO A 60 -13.43 0.43 -3.77
N THR A 61 -14.54 -0.18 -3.37
CA THR A 61 -15.56 -0.52 -4.36
C THR A 61 -16.16 0.73 -5.00
N CYS A 62 -16.34 1.78 -4.21
CA CYS A 62 -16.95 3.00 -4.73
C CYS A 62 -16.06 3.66 -5.77
N GLN A 63 -14.73 3.58 -5.57
CA GLN A 63 -13.78 4.19 -6.48
C GLN A 63 -13.46 3.27 -7.66
N GLU A 64 -12.99 2.05 -7.37
CA GLU A 64 -12.38 1.25 -8.41
C GLU A 64 -13.39 0.76 -9.43
N LYS A 65 -14.64 0.56 -9.03
CA LYS A 65 -15.64 0.00 -9.91
C LYS A 65 -16.82 0.92 -10.15
N HIS A 66 -17.39 1.49 -9.09
CA HIS A 66 -18.69 2.15 -9.23
C HIS A 66 -18.57 3.48 -9.97
N VAL A 67 -17.85 4.44 -9.41
CA VAL A 67 -17.86 5.75 -10.05
C VAL A 67 -17.13 5.71 -11.39
N THR A 68 -16.09 4.88 -11.50
CA THR A 68 -15.33 4.83 -12.75
C THR A 68 -16.17 4.27 -13.89
N GLY A 69 -17.11 3.37 -13.58
CA GLY A 69 -17.99 2.86 -14.63
C GLY A 69 -18.88 3.95 -15.20
N PHE A 70 -19.40 4.84 -14.33
CA PHE A 70 -20.23 5.94 -14.83
C PHE A 70 -19.40 6.91 -15.65
N ILE A 71 -18.19 7.23 -15.18
CA ILE A 71 -17.31 8.15 -15.91
C ILE A 71 -17.01 7.60 -17.30
N ALA A 72 -16.74 6.29 -17.41
CA ALA A 72 -16.37 5.73 -18.70
C ALA A 72 -17.53 5.80 -19.70
N LYS A 73 -18.76 5.82 -19.22
CA LYS A 73 -19.94 5.79 -20.07
C LYS A 73 -20.70 7.11 -20.12
N LEU A 74 -20.02 8.23 -19.86
CA LEU A 74 -20.74 9.51 -19.83
C LEU A 74 -21.27 9.87 -21.20
N ASP A 75 -20.56 9.51 -22.27
CA ASP A 75 -21.09 9.76 -23.61
C ASP A 75 -22.37 8.96 -23.85
N GLN A 76 -22.37 7.68 -23.45
CA GLN A 76 -23.57 6.87 -23.61
C GLN A 76 -24.73 7.39 -22.78
N LEU A 77 -24.45 7.85 -21.56
CA LEU A 77 -25.50 8.40 -20.71
C LEU A 77 -26.08 9.66 -21.34
N ARG A 78 -25.23 10.53 -21.88
CA ARG A 78 -25.71 11.75 -22.53
C ARG A 78 -26.54 11.42 -23.76
N GLN A 79 -26.07 10.46 -24.56
CA GLN A 79 -26.80 10.08 -25.77
C GLN A 79 -28.13 9.41 -25.43
N ALA A 80 -28.23 8.78 -24.26
CA ALA A 80 -29.47 8.19 -23.79
C ALA A 80 -30.43 9.22 -23.21
N GLY A 81 -30.04 10.49 -23.17
CA GLY A 81 -30.92 11.54 -22.72
C GLY A 81 -30.74 12.00 -21.30
N VAL A 82 -29.69 11.55 -20.61
CA VAL A 82 -29.47 11.97 -19.24
C VAL A 82 -29.00 13.42 -19.23
N ASP A 83 -29.69 14.26 -18.47
CA ASP A 83 -29.33 15.66 -18.33
C ASP A 83 -28.39 15.94 -17.16
N ARG A 84 -28.39 15.10 -16.13
CA ARG A 84 -27.52 15.31 -14.98
C ARG A 84 -27.26 13.98 -14.29
N VAL A 85 -26.02 13.79 -13.83
CA VAL A 85 -25.62 12.67 -13.01
C VAL A 85 -25.17 13.22 -11.66
N LEU A 86 -25.68 12.65 -10.58
CA LEU A 86 -25.39 13.11 -9.23
C LEU A 86 -24.89 11.92 -8.42
N PHE A 87 -23.71 12.08 -7.81
CA PHE A 87 -23.13 11.10 -6.89
C PHE A 87 -23.19 11.68 -5.48
N ILE A 88 -23.80 10.97 -4.56
CA ILE A 88 -23.92 11.43 -3.18
C ILE A 88 -23.32 10.39 -2.25
N ALA A 89 -22.92 10.85 -1.08
CA ALA A 89 -22.47 10.01 0.02
C ALA A 89 -22.63 10.83 1.29
N SER A 90 -22.37 10.20 2.43
CA SER A 90 -22.45 10.91 3.71
C SER A 90 -21.23 11.80 3.95
N ASN A 91 -20.12 11.59 3.25
CA ASN A 91 -18.98 12.48 3.35
C ASN A 91 -19.41 13.91 3.10
N ASP A 92 -18.75 14.85 3.76
CA ASP A 92 -19.10 16.26 3.62
C ASP A 92 -18.76 16.77 2.21
N ALA A 93 -19.24 17.99 1.92
CA ALA A 93 -19.08 18.53 0.58
C ALA A 93 -17.62 18.69 0.18
N PHE A 94 -16.75 18.98 1.15
CA PHE A 94 -15.33 19.16 0.82
C PHE A 94 -14.72 17.84 0.35
N VAL A 95 -15.02 16.75 1.06
CA VAL A 95 -14.48 15.46 0.71
C VAL A 95 -15.04 15.01 -0.62
N MET A 96 -16.35 15.24 -0.84
CA MET A 96 -16.98 14.85 -2.10
C MET A 96 -16.39 15.61 -3.28
N SER A 97 -16.11 16.91 -3.08
CA SER A 97 -15.47 17.70 -4.13
C SER A 97 -14.09 17.15 -4.48
N ALA A 98 -13.29 16.82 -3.47
CA ALA A 98 -11.98 16.24 -3.71
C ALA A 98 -12.11 14.91 -4.46
N TRP A 99 -13.11 14.11 -4.12
CA TRP A 99 -13.26 12.82 -4.76
C TRP A 99 -13.57 12.98 -6.26
N GLY A 100 -14.45 13.93 -6.60
CA GLY A 100 -14.72 14.18 -8.02
C GLY A 100 -13.49 14.66 -8.75
N LYS A 101 -12.73 15.56 -8.11
CA LYS A 101 -11.52 16.07 -8.76
C LYS A 101 -10.49 14.96 -8.90
N ALA A 102 -10.38 14.09 -7.89
CA ALA A 102 -9.46 12.96 -7.95
C ALA A 102 -9.79 12.06 -9.14
N ASN A 103 -11.06 12.01 -9.53
CA ASN A 103 -11.49 11.25 -10.70
C ASN A 103 -11.53 12.06 -11.98
N GLY A 104 -10.90 13.23 -12.00
CA GLY A 104 -10.78 13.99 -13.22
C GLY A 104 -11.99 14.76 -13.66
N ILE A 105 -13.01 14.89 -12.81
CA ILE A 105 -14.25 15.56 -13.18
C ILE A 105 -14.12 17.03 -12.79
N LYS A 106 -14.01 17.91 -13.79
CA LYS A 106 -13.83 19.33 -13.56
C LYS A 106 -15.07 20.13 -13.90
N ASP A 107 -16.14 19.50 -14.36
CA ASP A 107 -17.30 20.23 -14.83
C ASP A 107 -18.56 19.58 -14.26
N GLU A 108 -19.70 19.83 -14.91
CA GLU A 108 -20.99 19.37 -14.39
C GLU A 108 -21.43 18.03 -14.96
N SER A 109 -20.55 17.31 -15.66
CA SER A 109 -20.90 16.00 -16.19
C SER A 109 -21.35 15.08 -15.07
N ILE A 110 -20.66 15.12 -13.93
CA ILE A 110 -21.11 14.46 -12.70
C ILE A 110 -20.91 15.44 -11.55
N LEU A 111 -21.95 15.70 -10.77
CA LEU A 111 -21.82 16.47 -9.54
C LEU A 111 -21.61 15.51 -8.38
N PHE A 112 -20.82 15.94 -7.39
CA PHE A 112 -20.46 15.16 -6.21
C PHE A 112 -20.95 15.93 -4.99
N LEU A 113 -21.93 15.36 -4.29
CA LEU A 113 -22.65 16.10 -3.26
C LEU A 113 -22.77 15.29 -1.98
N SER A 114 -23.03 15.99 -0.90
CA SER A 114 -23.17 15.35 0.40
C SER A 114 -24.64 15.19 0.78
N ASP A 115 -25.03 13.97 1.14
CA ASP A 115 -26.31 13.70 1.79
C ASP A 115 -26.10 13.90 3.28
N SER A 116 -26.16 15.17 3.69
CA SER A 116 -25.82 15.55 5.05
C SER A 116 -26.61 14.73 6.06
N ASP A 117 -25.90 14.10 6.99
CA ASP A 117 -26.52 13.30 8.05
C ASP A 117 -27.40 12.19 7.47
N THR A 118 -27.09 11.75 6.25
CA THR A 118 -27.87 10.77 5.52
C THR A 118 -29.36 11.07 5.59
N ALA A 119 -29.71 12.36 5.57
CA ALA A 119 -31.12 12.72 5.68
C ALA A 119 -31.96 12.09 4.57
N PHE A 120 -31.53 12.25 3.32
CA PHE A 120 -32.33 11.71 2.22
C PHE A 120 -32.29 10.19 2.21
N SER A 121 -31.09 9.61 2.33
CA SER A 121 -30.97 8.16 2.27
C SER A 121 -31.75 7.50 3.39
N SER A 122 -31.74 8.08 4.60
CA SER A 122 -32.52 7.52 5.68
C SER A 122 -34.01 7.65 5.40
N SER A 123 -34.43 8.75 4.77
N SER A 123 -34.43 8.76 4.77
CA SER A 123 -35.84 8.97 4.49
CA SER A 123 -35.83 8.98 4.47
C SER A 123 -36.40 7.87 3.60
C SER A 123 -36.40 7.86 3.60
N ILE A 124 -35.61 7.36 2.66
CA ILE A 124 -36.07 6.31 1.77
C ILE A 124 -35.61 4.93 2.23
N GLY A 125 -35.04 4.85 3.44
CA GLY A 125 -34.74 3.58 4.07
C GLY A 125 -33.45 2.90 3.65
N TRP A 126 -32.55 3.62 2.99
CA TRP A 126 -31.32 3.05 2.46
C TRP A 126 -30.10 3.78 3.02
N ALA A 127 -29.98 3.77 4.35
CA ALA A 127 -28.80 4.27 5.03
C ALA A 127 -28.53 3.37 6.22
N ASN A 128 -27.29 3.37 6.71
CA ASN A 128 -26.96 2.64 7.93
C ASN A 128 -25.75 3.23 8.61
N ALA A 129 -25.90 3.49 9.88
CA ALA A 129 -24.77 3.85 10.76
C ALA A 129 -23.95 5.00 10.16
N GLY A 130 -24.64 6.04 9.74
CA GLY A 130 -23.98 7.25 9.31
C GLY A 130 -23.54 7.27 7.86
N ARG A 131 -23.74 6.19 7.13
CA ARG A 131 -23.40 6.13 5.72
C ARG A 131 -24.64 5.82 4.90
N THR A 132 -24.64 6.30 3.65
CA THR A 132 -25.70 5.90 2.73
C THR A 132 -25.46 4.48 2.29
N GLY A 133 -26.50 3.85 1.75
CA GLY A 133 -26.34 2.61 1.03
C GLY A 133 -25.73 2.85 -0.34
N ARG A 134 -25.62 1.78 -1.10
CA ARG A 134 -25.19 1.83 -2.49
C ARG A 134 -26.43 1.62 -3.35
N TYR A 135 -26.89 2.68 -4.01
CA TYR A 135 -28.13 2.58 -4.77
C TYR A 135 -28.10 3.57 -5.92
N ALA A 136 -29.04 3.40 -6.84
CA ALA A 136 -29.19 4.26 -8.00
C ALA A 136 -30.66 4.56 -8.20
N ILE A 137 -30.94 5.82 -8.53
CA ILE A 137 -32.29 6.28 -8.80
C ILE A 137 -32.26 7.00 -10.14
N VAL A 138 -33.18 6.63 -11.04
CA VAL A 138 -33.39 7.33 -12.31
C VAL A 138 -34.71 8.08 -12.21
N VAL A 139 -34.69 9.37 -12.55
CA VAL A 139 -35.87 10.21 -12.49
C VAL A 139 -36.07 10.87 -13.87
N LYS A 140 -37.32 11.03 -14.26
CA LYS A 140 -37.66 11.74 -15.50
C LYS A 140 -38.82 12.69 -15.23
N ASP A 141 -38.58 13.99 -15.38
CA ASP A 141 -39.61 15.01 -15.15
C ASP A 141 -40.34 14.76 -13.83
N GLY A 142 -39.56 14.54 -12.77
CA GLY A 142 -40.09 14.38 -11.44
C GLY A 142 -40.51 12.98 -11.04
N LYS A 143 -40.57 12.05 -11.98
CA LYS A 143 -41.10 10.72 -11.71
C LYS A 143 -39.96 9.72 -11.56
N VAL A 144 -40.02 8.92 -10.49
CA VAL A 144 -39.05 7.85 -10.32
C VAL A 144 -39.32 6.78 -11.37
N VAL A 145 -38.31 6.49 -12.20
CA VAL A 145 -38.39 5.45 -13.21
C VAL A 145 -37.73 4.16 -12.69
N TYR A 146 -36.79 4.31 -11.77
CA TYR A 146 -35.97 3.21 -11.29
C TYR A 146 -35.38 3.62 -9.94
N ALA A 147 -35.39 2.68 -9.00
CA ALA A 147 -34.74 2.88 -7.71
C ALA A 147 -34.40 1.49 -7.18
N ALA A 148 -33.10 1.21 -7.03
CA ALA A 148 -32.67 -0.10 -6.58
C ALA A 148 -31.40 0.06 -5.75
N VAL A 149 -31.22 -0.86 -4.79
CA VAL A 149 -30.12 -0.81 -3.85
C VAL A 149 -29.32 -2.11 -3.95
N ASP A 150 -28.00 -2.00 -3.85
CA ASP A 150 -27.12 -3.16 -3.79
C ASP A 150 -26.85 -3.48 -2.32
N THR A 151 -27.36 -4.63 -1.86
CA THR A 151 -27.12 -5.07 -0.49
C THR A 151 -25.95 -6.05 -0.39
N VAL A 152 -25.42 -6.51 -1.51
CA VAL A 152 -24.30 -7.45 -1.53
C VAL A 152 -23.01 -6.63 -1.57
N ARG A 153 -22.15 -6.85 -0.56
CA ARG A 153 -20.90 -6.09 -0.47
C ARG A 153 -20.10 -6.21 -1.77
N GLY A 154 -19.66 -5.06 -2.28
CA GLY A 154 -18.82 -5.02 -3.45
C GLY A 154 -19.53 -5.11 -4.79
N SER A 155 -20.84 -5.27 -4.79
CA SER A 155 -21.59 -5.46 -6.03
C SER A 155 -22.22 -4.15 -6.48
N THR A 156 -22.23 -3.95 -7.80
CA THR A 156 -22.93 -2.83 -8.42
C THR A 156 -23.97 -3.34 -9.42
N GLU A 157 -24.46 -4.55 -9.20
CA GLU A 157 -25.45 -5.14 -10.10
C GLU A 157 -26.63 -4.21 -10.31
N LYS A 158 -27.15 -3.60 -9.24
CA LYS A 158 -28.35 -2.79 -9.30
C LYS A 158 -28.09 -1.30 -9.41
N SER A 159 -26.94 -0.82 -8.92
CA SER A 159 -26.65 0.60 -8.92
C SER A 159 -25.54 0.98 -9.88
N GLY A 160 -24.97 0.03 -10.60
CA GLY A 160 -23.92 0.33 -11.56
C GLY A 160 -24.45 0.95 -12.85
N VAL A 161 -23.50 1.45 -13.65
CA VAL A 161 -23.88 2.19 -14.86
C VAL A 161 -24.62 1.28 -15.83
N ASP A 162 -24.27 0.00 -15.87
N ASP A 162 -24.27 -0.01 -15.87
CA ASP A 162 -24.94 -0.91 -16.79
CA ASP A 162 -24.95 -0.91 -16.80
C ASP A 162 -26.42 -1.03 -16.44
C ASP A 162 -26.42 -1.07 -16.45
N ALA A 163 -26.74 -1.11 -15.15
CA ALA A 163 -28.15 -1.21 -14.76
C ALA A 163 -28.91 0.06 -15.15
N VAL A 164 -28.29 1.22 -14.98
CA VAL A 164 -28.91 2.49 -15.33
C VAL A 164 -29.11 2.60 -16.83
N LEU A 165 -28.10 2.25 -17.62
CA LEU A 165 -28.25 2.30 -19.07
C LEU A 165 -29.32 1.33 -19.55
N THR A 166 -29.44 0.16 -18.89
CA THR A 166 -30.48 -0.79 -19.25
C THR A 166 -31.86 -0.20 -19.02
N VAL A 167 -32.05 0.45 -17.87
CA VAL A 167 -33.31 1.10 -17.55
C VAL A 167 -33.63 2.14 -18.61
N LEU A 168 -32.66 2.99 -18.92
CA LEU A 168 -32.89 4.05 -19.91
C LEU A 168 -33.31 3.45 -21.24
N GLY A 169 -32.68 2.35 -21.64
CA GLY A 169 -33.02 1.75 -22.91
C GLY A 169 -34.42 1.16 -22.95
N ASN A 170 -34.93 0.68 -21.80
CA ASN A 170 -36.27 0.13 -21.75
C ASN A 170 -37.36 1.19 -21.80
N GLN A 171 -37.01 2.47 -21.69
CA GLN A 171 -38.00 3.54 -21.76
C GLN A 171 -38.50 3.77 -23.19
N GLY A 172 -37.79 3.24 -24.19
CA GLY A 172 -38.30 3.25 -25.54
C GLY A 172 -38.12 4.53 -26.29
N LYS A 173 -37.23 5.41 -25.85
CA LYS A 173 -37.00 6.68 -26.54
C LYS A 173 -35.58 6.80 -27.07
N LEU A 174 -34.88 5.68 -27.27
CA LEU A 174 -33.56 5.71 -27.91
C LEU A 174 -33.76 5.91 -29.41
N MET B 3 -14.03 18.16 31.94
CA MET B 3 -12.85 17.22 31.78
C MET B 3 -11.58 18.03 31.56
N ALA B 4 -10.71 18.00 32.57
CA ALA B 4 -9.46 18.73 32.50
C ALA B 4 -8.65 18.30 31.28
N PRO B 5 -7.96 19.23 30.62
CA PRO B 5 -7.22 18.88 29.39
C PRO B 5 -5.90 18.22 29.72
N LEU B 6 -5.30 17.68 28.67
CA LEU B 6 -3.91 17.24 28.73
C LEU B 6 -3.02 18.43 29.04
N GLN B 7 -2.06 18.23 29.94
CA GLN B 7 -1.19 19.28 30.41
C GLN B 7 0.27 18.97 30.08
N PRO B 8 1.09 19.99 29.82
CA PRO B 8 2.54 19.79 29.89
C PRO B 8 2.91 19.09 31.19
N GLY B 9 3.78 18.08 31.10
CA GLY B 9 4.18 17.31 32.25
C GLY B 9 3.41 16.03 32.46
N ASP B 10 2.21 15.92 31.90
CA ASP B 10 1.50 14.65 31.94
C ASP B 10 2.20 13.62 31.04
N SER B 11 2.03 12.36 31.38
CA SER B 11 2.34 11.28 30.44
C SER B 11 1.34 11.27 29.28
N PHE B 12 1.81 10.99 28.09
CA PHE B 12 0.87 10.81 27.00
C PHE B 12 -0.02 9.61 27.29
N PRO B 13 -1.33 9.71 27.11
CA PRO B 13 -2.21 8.60 27.53
C PRO B 13 -1.85 7.27 26.87
N ALA B 14 -2.08 6.20 27.61
CA ALA B 14 -1.89 4.85 27.11
C ALA B 14 -3.06 4.44 26.23
N ASN B 15 -2.81 3.42 25.41
CA ASN B 15 -3.86 2.72 24.64
C ASN B 15 -4.48 3.59 23.55
N VAL B 16 -3.76 4.56 23.08
CA VAL B 16 -4.22 5.41 21.97
C VAL B 16 -3.86 4.73 20.66
N VAL B 17 -4.85 4.53 19.81
CA VAL B 17 -4.66 3.90 18.50
C VAL B 17 -5.45 4.66 17.45
N PHE B 18 -4.91 4.68 16.23
CA PHE B 18 -5.57 5.30 15.09
C PHE B 18 -5.62 4.29 13.95
N SER B 19 -6.48 4.56 12.98
CA SER B 19 -6.59 3.74 11.78
C SER B 19 -5.97 4.50 10.61
N TYR B 20 -5.12 3.84 9.83
CA TYR B 20 -4.49 4.52 8.71
C TYR B 20 -4.06 3.53 7.64
N ILE B 21 -3.88 4.06 6.43
CA ILE B 21 -3.36 3.30 5.29
C ILE B 21 -1.89 3.67 5.16
N PRO B 22 -0.96 2.72 5.30
CA PRO B 22 0.46 3.06 5.19
C PRO B 22 0.79 3.63 3.83
N PRO B 23 1.51 4.76 3.79
CA PRO B 23 1.93 5.31 2.50
C PRO B 23 2.76 4.30 1.71
N THR B 24 2.62 4.34 0.40
CA THR B 24 3.35 3.44 -0.48
C THR B 24 4.36 4.18 -1.35
N GLY B 25 4.37 5.51 -1.34
CA GLY B 25 5.13 6.28 -2.27
C GLY B 25 4.35 6.75 -3.47
N SER B 26 3.14 6.24 -3.65
CA SER B 26 2.27 6.62 -4.76
C SER B 26 1.40 7.79 -4.34
N LEU B 27 1.20 8.73 -5.27
CA LEU B 27 0.32 9.86 -5.04
C LEU B 27 -0.99 9.74 -5.83
N ASP B 28 -1.31 8.54 -6.28
CA ASP B 28 -2.53 8.33 -7.07
C ASP B 28 -3.70 8.22 -6.11
N LEU B 29 -4.60 9.20 -6.16
CA LEU B 29 -5.73 9.21 -5.24
C LEU B 29 -6.81 8.17 -5.59
N THR B 30 -6.78 7.58 -6.79
CA THR B 30 -7.77 6.57 -7.17
C THR B 30 -7.33 5.16 -6.79
N VAL B 31 -6.16 5.00 -6.20
CA VAL B 31 -5.65 3.71 -5.74
C VAL B 31 -5.61 3.75 -4.22
N SER B 32 -6.31 2.83 -3.57
N SER B 32 -6.31 2.83 -3.57
CA SER B 32 -6.37 2.79 -2.11
CA SER B 32 -6.38 2.78 -2.12
C SER B 32 -5.77 1.49 -1.59
C SER B 32 -5.75 1.49 -1.61
N GLY B 33 -5.30 1.55 -0.35
CA GLY B 33 -4.77 0.39 0.31
C GLY B 33 -5.71 -0.18 1.35
N ARG B 34 -5.16 -0.74 2.43
CA ARG B 34 -5.95 -1.45 3.44
C ARG B 34 -5.65 -0.84 4.79
N PRO B 35 -6.65 -0.34 5.52
CA PRO B 35 -6.34 0.29 6.80
C PRO B 35 -5.81 -0.73 7.80
N ILE B 36 -4.88 -0.27 8.64
CA ILE B 36 -4.38 -1.03 9.78
C ILE B 36 -4.34 -0.10 10.97
N GLU B 37 -4.15 -0.69 12.15
N GLU B 37 -4.13 -0.66 12.15
CA GLU B 37 -4.03 0.08 13.38
CA GLU B 37 -4.08 0.12 13.37
C GLU B 37 -2.65 0.70 13.49
C GLU B 37 -2.66 0.65 13.59
N TYR B 38 -2.58 1.88 14.09
CA TYR B 38 -1.34 2.59 14.37
C TYR B 38 -1.31 2.78 15.87
N ASN B 39 -0.29 2.26 16.54
CA ASN B 39 -0.21 2.37 18.00
C ASN B 39 0.45 3.70 18.34
N ALA B 40 -0.36 4.71 18.62
CA ALA B 40 0.19 6.06 18.80
C ALA B 40 0.91 6.18 20.14
N SER B 41 0.37 5.57 21.19
CA SER B 41 1.05 5.61 22.48
C SER B 41 2.46 5.06 22.38
N GLU B 42 2.62 3.94 21.69
CA GLU B 42 3.94 3.35 21.49
C GLU B 42 4.81 4.23 20.62
N ALA B 43 4.26 4.77 19.53
CA ALA B 43 5.04 5.65 18.67
C ALA B 43 5.56 6.87 19.45
N LEU B 44 4.74 7.40 20.35
CA LEU B 44 5.08 8.61 21.06
C LEU B 44 5.89 8.37 22.31
N ALA B 45 6.17 7.11 22.65
CA ALA B 45 6.90 6.78 23.87
C ALA B 45 8.37 7.15 23.77
N LYS B 46 8.88 7.33 22.56
CA LYS B 46 10.29 7.67 22.35
C LYS B 46 10.38 8.72 21.26
N GLY B 47 11.32 9.63 21.41
CA GLY B 47 11.56 10.67 20.42
C GLY B 47 10.63 11.84 20.63
N THR B 48 10.70 12.78 19.68
CA THR B 48 9.85 13.95 19.69
C THR B 48 8.76 13.80 18.63
N SER B 49 7.50 13.92 19.04
CA SER B 49 6.35 13.72 18.17
C SER B 49 5.43 14.93 18.25
N VAL B 50 4.81 15.27 17.13
CA VAL B 50 3.79 16.30 17.06
C VAL B 50 2.51 15.65 16.54
N LEU B 51 1.46 15.68 17.35
CA LEU B 51 0.14 15.14 17.01
C LEU B 51 -0.80 16.33 16.81
N VAL B 52 -1.35 16.44 15.61
CA VAL B 52 -2.20 17.56 15.23
C VAL B 52 -3.55 16.97 14.82
N ALA B 53 -4.62 17.46 15.45
CA ALA B 53 -5.97 17.09 15.08
C ALA B 53 -6.62 18.24 14.34
N VAL B 54 -7.35 17.92 13.28
CA VAL B 54 -8.06 18.93 12.50
C VAL B 54 -9.53 18.53 12.42
N PRO B 55 -10.44 19.50 12.30
CA PRO B 55 -11.88 19.15 12.24
C PRO B 55 -12.26 18.34 11.02
N GLY B 56 -11.55 18.52 9.90
CA GLY B 56 -11.86 17.72 8.73
C GLY B 56 -10.83 17.75 7.62
N ALA B 57 -10.51 16.58 7.07
CA ALA B 57 -9.72 16.55 5.84
C ALA B 57 -10.40 17.40 4.76
N PHE B 58 -9.59 18.04 3.94
CA PHE B 58 -10.00 18.82 2.77
C PHE B 58 -10.83 20.05 3.11
N THR B 59 -11.01 20.40 4.38
CA THR B 59 -11.74 21.62 4.70
C THR B 59 -10.81 22.82 4.61
N PRO B 60 -11.38 24.03 4.46
CA PRO B 60 -10.55 25.18 4.03
C PRO B 60 -9.40 25.52 4.96
N THR B 61 -9.67 25.74 6.24
CA THR B 61 -8.58 26.08 7.15
C THR B 61 -7.60 24.93 7.30
N CYS B 62 -8.11 23.70 7.45
CA CYS B 62 -7.22 22.55 7.58
C CYS B 62 -6.32 22.40 6.37
N GLN B 63 -6.87 22.62 5.18
CA GLN B 63 -6.09 22.43 3.96
C GLN B 63 -5.20 23.62 3.67
N GLU B 64 -5.80 24.80 3.52
CA GLU B 64 -5.09 25.95 2.97
C GLU B 64 -4.12 26.58 3.96
N LYS B 65 -4.31 26.37 5.25
CA LYS B 65 -3.47 27.00 6.27
C LYS B 65 -2.77 25.98 7.14
N HIS B 66 -3.48 24.99 7.65
CA HIS B 66 -2.94 24.18 8.74
C HIS B 66 -1.93 23.15 8.26
N VAL B 67 -2.36 22.21 7.41
CA VAL B 67 -1.44 21.17 6.98
C VAL B 67 -0.34 21.75 6.10
N THR B 68 -0.65 22.76 5.28
CA THR B 68 0.36 23.33 4.41
C THR B 68 1.48 24.01 5.19
N GLY B 69 1.17 24.58 6.36
CA GLY B 69 2.22 25.18 7.18
C GLY B 69 3.22 24.16 7.70
N PHE B 70 2.71 23.03 8.22
CA PHE B 70 3.60 21.96 8.68
C PHE B 70 4.42 21.38 7.54
N ILE B 71 3.82 21.24 6.35
CA ILE B 71 4.58 20.75 5.20
C ILE B 71 5.70 21.72 4.85
N ALA B 72 5.37 23.01 4.77
CA ALA B 72 6.35 24.00 4.34
C ALA B 72 7.51 24.11 5.32
N LYS B 73 7.28 23.87 6.60
CA LYS B 73 8.31 24.03 7.61
C LYS B 73 8.77 22.68 8.20
N LEU B 74 8.60 21.61 7.44
CA LEU B 74 9.06 20.30 7.87
C LEU B 74 10.55 20.31 8.20
N ASP B 75 11.37 20.94 7.35
CA ASP B 75 12.81 20.98 7.64
C ASP B 75 13.10 21.68 8.95
N GLN B 76 12.38 22.77 9.24
CA GLN B 76 12.55 23.45 10.53
C GLN B 76 12.12 22.55 11.69
N LEU B 77 11.05 21.77 11.50
CA LEU B 77 10.65 20.84 12.54
C LEU B 77 11.72 19.79 12.79
N ARG B 78 12.34 19.29 11.71
CA ARG B 78 13.40 18.30 11.87
C ARG B 78 14.62 18.90 12.53
N GLN B 79 14.95 20.15 12.20
CA GLN B 79 16.09 20.79 12.85
C GLN B 79 15.87 20.91 14.35
N ALA B 80 14.61 20.96 14.79
CA ALA B 80 14.27 21.02 16.20
C ALA B 80 14.13 19.63 16.82
N GLY B 81 14.43 18.58 16.06
CA GLY B 81 14.42 17.26 16.59
C GLY B 81 13.13 16.50 16.43
N VAL B 82 12.20 16.99 15.62
CA VAL B 82 10.91 16.31 15.46
C VAL B 82 11.08 15.03 14.65
N ASP B 83 10.63 13.91 15.21
CA ASP B 83 10.74 12.60 14.58
C ASP B 83 9.45 12.13 13.94
N ARG B 84 8.31 12.60 14.42
CA ARG B 84 7.02 12.18 13.91
C ARG B 84 6.07 13.36 13.86
N VAL B 85 5.35 13.47 12.75
CA VAL B 85 4.23 14.41 12.62
C VAL B 85 3.02 13.59 12.24
N LEU B 86 1.96 13.68 13.05
CA LEU B 86 0.76 12.90 12.82
C LEU B 86 -0.41 13.87 12.73
N PHE B 87 -1.15 13.82 11.61
CA PHE B 87 -2.40 14.54 11.44
C PHE B 87 -3.56 13.57 11.57
N ILE B 88 -4.48 13.86 12.48
CA ILE B 88 -5.64 13.02 12.69
C ILE B 88 -6.90 13.84 12.48
N ALA B 89 -7.97 13.12 12.16
CA ALA B 89 -9.31 13.68 12.09
C ALA B 89 -10.31 12.53 12.23
N SER B 90 -11.59 12.88 12.26
CA SER B 90 -12.62 11.85 12.33
C SER B 90 -12.89 11.19 10.98
N ASN B 91 -12.43 11.79 9.87
CA ASN B 91 -12.56 11.13 8.57
C ASN B 91 -11.93 9.74 8.62
N ASP B 92 -12.50 8.81 7.85
CA ASP B 92 -12.00 7.44 7.82
C ASP B 92 -10.61 7.40 7.17
N ALA B 93 -9.98 6.22 7.25
CA ALA B 93 -8.59 6.09 6.82
C ALA B 93 -8.44 6.29 5.32
N PHE B 94 -9.46 5.94 4.55
CA PHE B 94 -9.40 6.12 3.10
C PHE B 94 -9.36 7.60 2.75
N VAL B 95 -10.22 8.39 3.39
CA VAL B 95 -10.23 9.83 3.15
C VAL B 95 -8.92 10.47 3.62
N MET B 96 -8.42 10.04 4.79
CA MET B 96 -7.19 10.63 5.31
C MET B 96 -6.02 10.32 4.39
N SER B 97 -5.96 9.08 3.89
CA SER B 97 -4.92 8.70 2.94
C SER B 97 -4.95 9.57 1.68
N ALA B 98 -6.15 9.78 1.12
CA ALA B 98 -6.25 10.61 -0.06
C ALA B 98 -5.85 12.05 0.24
N TRP B 99 -6.15 12.55 1.45
CA TRP B 99 -5.80 13.91 1.82
C TRP B 99 -4.28 14.09 1.88
N GLY B 100 -3.58 13.09 2.42
CA GLY B 100 -2.12 13.12 2.40
C GLY B 100 -1.56 13.13 0.99
N LYS B 101 -2.12 12.30 0.12
CA LYS B 101 -1.66 12.26 -1.26
C LYS B 101 -1.96 13.57 -1.98
N ALA B 102 -3.13 14.16 -1.72
CA ALA B 102 -3.48 15.43 -2.33
C ALA B 102 -2.45 16.50 -1.99
N ASN B 103 -1.78 16.36 -0.85
CA ASN B 103 -0.77 17.30 -0.40
C ASN B 103 0.63 16.84 -0.74
N GLY B 104 0.76 15.79 -1.53
CA GLY B 104 2.04 15.42 -2.09
C GLY B 104 2.92 14.61 -1.18
N ILE B 105 2.39 14.08 -0.10
CA ILE B 105 3.19 13.38 0.89
C ILE B 105 3.23 11.92 0.48
N LYS B 106 4.43 11.44 0.15
CA LYS B 106 4.65 10.09 -0.33
C LYS B 106 5.20 9.15 0.73
N ASP B 107 5.63 9.67 1.87
CA ASP B 107 6.38 8.87 2.84
C ASP B 107 5.76 9.05 4.22
N GLU B 108 6.54 8.75 5.27
CA GLU B 108 6.02 8.82 6.63
C GLU B 108 6.38 10.12 7.35
N SER B 109 6.88 11.12 6.63
CA SER B 109 7.29 12.37 7.27
C SER B 109 6.11 13.02 7.98
N ILE B 110 4.94 12.99 7.35
CA ILE B 110 3.69 13.39 7.96
C ILE B 110 2.71 12.27 7.67
N LEU B 111 2.17 11.65 8.72
CA LEU B 111 1.18 10.59 8.53
C LEU B 111 -0.21 11.16 8.73
N PHE B 112 -1.18 10.54 8.07
CA PHE B 112 -2.58 10.96 8.04
C PHE B 112 -3.43 9.77 8.51
N LEU B 113 -4.06 9.92 9.67
CA LEU B 113 -4.67 8.80 10.36
C LEU B 113 -6.06 9.21 10.85
N SER B 114 -6.92 8.22 11.05
CA SER B 114 -8.28 8.45 11.52
C SER B 114 -8.37 8.25 13.03
N ASP B 115 -8.90 9.25 13.72
CA ASP B 115 -9.32 9.10 15.11
C ASP B 115 -10.74 8.55 15.10
N SER B 116 -10.84 7.23 14.92
CA SER B 116 -12.12 6.57 14.73
C SER B 116 -13.11 6.93 15.83
N ASP B 117 -14.27 7.45 15.42
CA ASP B 117 -15.36 7.81 16.33
C ASP B 117 -14.90 8.86 17.34
N THR B 118 -13.90 9.65 16.98
CA THR B 118 -13.26 10.63 17.85
C THR B 118 -12.95 10.05 19.24
N ALA B 119 -12.54 8.78 19.27
CA ALA B 119 -12.32 8.10 20.55
C ALA B 119 -11.22 8.78 21.37
N PHE B 120 -10.08 9.06 20.75
CA PHE B 120 -9.00 9.70 21.50
C PHE B 120 -9.36 11.16 21.81
N SER B 121 -9.80 11.91 20.80
CA SER B 121 -10.10 13.33 21.00
C SER B 121 -11.18 13.51 22.06
N SER B 122 -12.18 12.65 22.07
CA SER B 122 -13.21 12.73 23.10
C SER B 122 -12.63 12.47 24.48
N SER B 123 -11.71 11.51 24.59
CA SER B 123 -11.15 11.14 25.88
C SER B 123 -10.34 12.26 26.51
N ILE B 124 -9.90 13.24 25.73
CA ILE B 124 -9.20 14.40 26.28
C ILE B 124 -10.03 15.67 26.20
N GLY B 125 -11.31 15.56 25.88
CA GLY B 125 -12.22 16.68 25.94
C GLY B 125 -12.20 17.62 24.75
N TRP B 126 -11.58 17.21 23.65
CA TRP B 126 -11.42 18.06 22.48
C TRP B 126 -12.05 17.44 21.24
N ALA B 127 -13.33 17.06 21.34
CA ALA B 127 -14.12 16.64 20.19
C ALA B 127 -15.52 17.22 20.34
N ASN B 128 -16.23 17.31 19.23
N ASN B 128 -16.24 17.27 19.23
CA ASN B 128 -17.63 17.74 19.29
CA ASN B 128 -17.61 17.78 19.25
C ASN B 128 -18.37 17.23 18.06
C ASN B 128 -18.38 17.24 18.05
N ALA B 129 -19.51 16.60 18.30
CA ALA B 129 -20.45 16.20 17.25
C ALA B 129 -19.78 15.44 16.12
N GLY B 130 -18.99 14.44 16.49
CA GLY B 130 -18.41 13.55 15.50
C GLY B 130 -17.16 14.04 14.82
N ARG B 131 -16.67 15.22 15.15
CA ARG B 131 -15.41 15.73 14.63
C ARG B 131 -14.47 16.00 15.79
N THR B 132 -13.17 15.81 15.55
CA THR B 132 -12.19 16.27 16.51
C THR B 132 -12.13 17.80 16.49
N GLY B 133 -11.58 18.36 17.56
CA GLY B 133 -11.25 19.76 17.57
C GLY B 133 -9.99 20.01 16.75
N ARG B 134 -9.55 21.25 16.76
CA ARG B 134 -8.28 21.64 16.13
C ARG B 134 -7.29 21.87 17.26
N TYR B 135 -6.30 20.98 17.38
CA TYR B 135 -5.38 21.04 18.50
C TYR B 135 -4.06 20.41 18.12
N ALA B 136 -3.03 20.68 18.92
CA ALA B 136 -1.72 20.11 18.75
C ALA B 136 -1.18 19.64 20.10
N ILE B 137 -0.48 18.52 20.08
CA ILE B 137 0.17 17.95 21.23
C ILE B 137 1.60 17.65 20.84
N VAL B 138 2.55 18.17 21.61
CA VAL B 138 3.97 17.88 21.39
C VAL B 138 4.41 16.96 22.52
N VAL B 139 5.05 15.85 22.16
CA VAL B 139 5.49 14.83 23.11
C VAL B 139 6.98 14.60 22.95
N LYS B 140 7.67 14.38 24.07
CA LYS B 140 9.06 13.95 24.06
C LYS B 140 9.19 12.76 25.00
N ASP B 141 9.58 11.60 24.46
CA ASP B 141 9.78 10.39 25.24
C ASP B 141 8.58 10.10 26.14
N GLY B 142 7.40 10.18 25.55
CA GLY B 142 6.19 9.81 26.25
C GLY B 142 5.62 10.84 27.17
N LYS B 143 6.27 11.99 27.31
CA LYS B 143 5.79 13.06 28.17
C LYS B 143 5.29 14.22 27.31
N VAL B 144 4.11 14.73 27.64
CA VAL B 144 3.58 15.91 26.97
C VAL B 144 4.39 17.13 27.36
N VAL B 145 4.88 17.86 26.37
CA VAL B 145 5.53 19.14 26.61
C VAL B 145 4.67 20.32 26.18
N TYR B 146 3.59 20.10 25.43
CA TYR B 146 2.71 21.15 24.96
C TYR B 146 1.40 20.49 24.53
N ALA B 147 0.29 21.16 24.84
CA ALA B 147 -1.02 20.72 24.36
C ALA B 147 -1.94 21.92 24.38
N ALA B 148 -2.57 22.24 23.25
CA ALA B 148 -3.48 23.38 23.21
C ALA B 148 -4.45 23.21 22.04
N VAL B 149 -5.62 23.82 22.19
CA VAL B 149 -6.70 23.71 21.21
C VAL B 149 -7.06 25.09 20.69
N ASP B 150 -7.37 25.15 19.41
CA ASP B 150 -7.87 26.36 18.77
C ASP B 150 -9.38 26.36 18.82
N THR B 151 -9.96 27.34 19.51
CA THR B 151 -11.41 27.48 19.58
C THR B 151 -11.96 28.57 18.66
N VAL B 152 -11.09 29.40 18.08
CA VAL B 152 -11.53 30.44 17.17
C VAL B 152 -11.54 29.87 15.76
N ARG B 153 -12.69 29.95 15.10
CA ARG B 153 -12.80 29.40 13.76
C ARG B 153 -11.79 30.06 12.82
N GLY B 154 -11.10 29.23 12.04
CA GLY B 154 -10.13 29.72 11.09
C GLY B 154 -8.75 30.00 11.64
N SER B 155 -8.56 29.93 12.97
CA SER B 155 -7.28 30.23 13.57
C SER B 155 -6.45 28.98 13.80
N THR B 156 -5.16 29.09 13.54
CA THR B 156 -4.19 28.07 13.91
C THR B 156 -3.18 28.62 14.93
N GLU B 157 -3.64 29.58 15.74
CA GLU B 157 -2.75 30.24 16.70
C GLU B 157 -2.17 29.23 17.68
N LYS B 158 -2.97 28.27 18.12
CA LYS B 158 -2.54 27.34 19.16
C LYS B 158 -2.02 26.03 18.59
N SER B 159 -2.44 25.65 17.38
CA SER B 159 -2.16 24.32 16.84
C SER B 159 -1.35 24.35 15.57
N GLY B 160 -1.04 25.54 15.05
CA GLY B 160 -0.27 25.67 13.83
C GLY B 160 1.19 25.38 14.02
N VAL B 161 1.90 25.27 12.90
CA VAL B 161 3.31 24.91 12.96
C VAL B 161 4.13 25.98 13.70
N ASP B 162 3.75 27.25 13.62
CA ASP B 162 4.53 28.29 14.28
C ASP B 162 4.43 28.15 15.80
N ALA B 163 3.25 27.82 16.31
CA ALA B 163 3.11 27.56 17.73
C ALA B 163 3.99 26.40 18.16
N VAL B 164 4.03 25.33 17.35
CA VAL B 164 4.83 24.17 17.70
C VAL B 164 6.31 24.51 17.65
N LEU B 165 6.75 25.24 16.62
CA LEU B 165 8.16 25.61 16.55
C LEU B 165 8.56 26.50 17.72
N THR B 166 7.66 27.37 18.15
CA THR B 166 7.99 28.24 19.29
C THR B 166 8.18 27.44 20.57
N VAL B 167 7.29 26.48 20.85
CA VAL B 167 7.43 25.74 22.08
C VAL B 167 8.68 24.87 22.04
N LEU B 168 9.02 24.35 20.86
CA LEU B 168 10.26 23.59 20.74
C LEU B 168 11.48 24.48 20.91
N GLY B 169 11.40 25.74 20.47
CA GLY B 169 12.52 26.66 20.65
C GLY B 169 12.74 27.08 22.08
N ASN B 170 11.72 26.98 22.93
CA ASN B 170 11.88 27.28 24.34
C ASN B 170 12.41 26.10 25.14
N GLN B 171 12.37 24.89 24.57
CA GLN B 171 12.90 23.70 25.23
C GLN B 171 14.42 23.79 25.34
N PRO C 5 16.01 -22.27 23.71
CA PRO C 5 14.90 -22.65 22.82
C PRO C 5 13.53 -22.49 23.48
N LEU C 6 12.60 -21.87 22.77
CA LEU C 6 11.27 -21.63 23.29
C LEU C 6 10.59 -22.93 23.66
N GLN C 7 9.77 -22.88 24.69
CA GLN C 7 9.06 -24.03 25.22
C GLN C 7 7.59 -23.71 25.36
N PRO C 8 6.73 -24.75 25.36
CA PRO C 8 5.33 -24.52 25.71
C PRO C 8 5.22 -23.77 27.02
N GLY C 9 4.33 -22.78 27.06
CA GLY C 9 4.13 -21.98 28.25
C GLY C 9 5.01 -20.76 28.38
N ASP C 10 6.16 -20.74 27.71
CA ASP C 10 6.99 -19.53 27.70
C ASP C 10 6.18 -18.35 27.18
N SER C 11 6.43 -17.16 27.74
CA SER C 11 5.99 -15.95 27.09
C SER C 11 6.69 -15.84 25.74
N PHE C 12 5.96 -15.45 24.70
CA PHE C 12 6.62 -15.10 23.45
C PHE C 12 7.62 -13.98 23.72
N PRO C 13 8.81 -14.02 23.14
CA PRO C 13 9.82 -13.00 23.49
C PRO C 13 9.33 -11.59 23.21
N ALA C 14 9.76 -10.67 24.05
CA ALA C 14 9.41 -9.27 23.90
C ALA C 14 10.26 -8.62 22.81
N ASN C 15 9.79 -7.48 22.31
CA ASN C 15 10.54 -6.63 21.40
C ASN C 15 10.90 -7.34 20.09
N VAL C 16 10.04 -8.24 19.65
CA VAL C 16 10.26 -8.92 18.38
C VAL C 16 9.63 -8.08 17.27
N VAL C 17 10.43 -7.65 16.33
CA VAL C 17 9.96 -6.82 15.23
C VAL C 17 10.44 -7.41 13.91
N PHE C 18 9.62 -7.29 12.86
CA PHE C 18 9.96 -7.68 11.51
C PHE C 18 9.70 -6.48 10.60
N SER C 19 10.30 -6.51 9.42
CA SER C 19 10.08 -5.49 8.40
C SER C 19 9.26 -6.09 7.27
N TYR C 20 8.23 -5.36 6.83
CA TYR C 20 7.35 -5.85 5.79
C TYR C 20 6.69 -4.70 5.05
N ILE C 21 6.31 -4.99 3.82
CA ILE C 21 5.48 -4.06 3.05
C ILE C 21 4.03 -4.48 3.23
N PRO C 22 3.18 -3.63 3.83
CA PRO C 22 1.79 -4.03 4.07
C PRO C 22 1.08 -4.30 2.75
N PRO C 23 0.25 -5.34 2.70
CA PRO C 23 -0.50 -5.63 1.47
C PRO C 23 -1.54 -4.54 1.21
N THR C 24 -1.80 -4.32 -0.07
CA THR C 24 -2.74 -3.29 -0.50
C THR C 24 -3.96 -3.83 -1.23
N GLY C 25 -3.97 -5.12 -1.57
CA GLY C 25 -4.95 -5.67 -2.48
C GLY C 25 -4.45 -5.85 -3.90
N SER C 26 -3.32 -5.25 -4.25
CA SER C 26 -2.76 -5.40 -5.58
C SER C 26 -1.72 -6.52 -5.61
N LEU C 27 -1.71 -7.24 -6.72
CA LEU C 27 -0.78 -8.36 -6.90
C LEU C 27 0.27 -8.06 -7.97
N ASP C 28 0.49 -6.79 -8.29
CA ASP C 28 1.49 -6.38 -9.28
C ASP C 28 2.88 -6.47 -8.66
N LEU C 29 3.69 -7.41 -9.14
CA LEU C 29 5.02 -7.62 -8.56
C LEU C 29 6.03 -6.57 -9.00
N THR C 30 5.72 -5.77 -10.01
CA THR C 30 6.65 -4.74 -10.48
C THR C 30 6.53 -3.42 -9.72
N VAL C 31 5.59 -3.31 -8.79
CA VAL C 31 5.41 -2.10 -7.99
C VAL C 31 5.63 -2.46 -6.53
N SER C 32 6.62 -1.84 -5.91
CA SER C 32 6.92 -2.08 -4.50
C SER C 32 6.46 -0.92 -3.64
N GLY C 33 5.84 -1.24 -2.52
CA GLY C 33 5.50 -0.25 -1.52
C GLY C 33 6.71 0.08 -0.66
N ARG C 34 6.43 0.55 0.55
CA ARG C 34 7.48 0.99 1.47
C ARG C 34 7.52 0.08 2.68
N PRO C 35 8.66 -0.53 3.00
CA PRO C 35 8.68 -1.40 4.19
C PRO C 35 8.51 -0.57 5.46
N ILE C 36 7.74 -1.13 6.41
CA ILE C 36 7.60 -0.59 7.75
C ILE C 36 7.81 -1.71 8.75
N GLU C 37 7.99 -1.32 10.02
CA GLU C 37 8.20 -2.33 11.07
C GLU C 37 6.87 -2.87 11.57
N TYR C 38 6.84 -4.20 11.73
CA TYR C 38 5.71 -4.95 12.27
C TYR C 38 6.13 -5.41 13.67
N ASN C 39 5.36 -5.01 14.67
CA ASN C 39 5.65 -5.37 16.06
C ASN C 39 4.97 -6.70 16.35
N ALA C 40 5.73 -7.78 16.15
CA ALA C 40 5.17 -9.13 16.28
C ALA C 40 4.80 -9.45 17.72
N SER C 41 5.63 -9.02 18.69
CA SER C 41 5.29 -9.27 20.09
C SER C 41 3.93 -8.67 20.44
N GLU C 42 3.68 -7.43 20.01
CA GLU C 42 2.40 -6.79 20.30
C GLU C 42 1.26 -7.52 19.62
N ALA C 43 1.43 -7.90 18.35
CA ALA C 43 0.36 -8.58 17.62
C ALA C 43 0.05 -9.95 18.21
N LEU C 44 1.08 -10.66 18.67
CA LEU C 44 0.90 -11.99 19.22
C LEU C 44 0.38 -11.99 20.64
N ALA C 45 0.24 -10.82 21.26
CA ALA C 45 -0.22 -10.75 22.65
C ALA C 45 -1.70 -11.07 22.78
N LYS C 46 -2.44 -11.06 21.67
CA LYS C 46 -3.88 -11.27 21.67
C LYS C 46 -4.25 -12.22 20.55
N GLY C 47 -5.10 -13.19 20.84
CA GLY C 47 -5.53 -14.17 19.89
C GLY C 47 -4.52 -15.29 19.68
N THR C 48 -4.78 -16.06 18.62
CA THR C 48 -3.94 -17.19 18.27
C THR C 48 -3.21 -16.87 16.98
N SER C 49 -1.89 -17.02 17.00
CA SER C 49 -1.01 -16.71 15.89
C SER C 49 -0.16 -17.91 15.52
N VAL C 50 0.17 -18.03 14.25
CA VAL C 50 1.09 -19.03 13.76
C VAL C 50 2.21 -18.29 13.05
N LEU C 51 3.44 -18.44 13.56
CA LEU C 51 4.62 -17.77 13.04
C LEU C 51 5.47 -18.87 12.40
N VAL C 52 5.65 -18.80 11.09
CA VAL C 52 6.38 -19.79 10.33
C VAL C 52 7.61 -19.11 9.73
N ALA C 53 8.77 -19.69 9.94
CA ALA C 53 10.02 -19.23 9.33
C ALA C 53 10.43 -20.24 8.27
N VAL C 54 10.95 -19.74 7.15
CA VAL C 54 11.41 -20.58 6.05
C VAL C 54 12.82 -20.16 5.64
N PRO C 55 13.64 -21.08 5.14
CA PRO C 55 15.01 -20.70 4.78
C PRO C 55 15.08 -19.64 3.68
N GLY C 56 14.14 -19.63 2.75
CA GLY C 56 14.17 -18.63 1.70
C GLY C 56 12.92 -18.55 0.85
N ALA C 57 12.48 -17.33 0.58
CA ALA C 57 11.38 -17.10 -0.35
C ALA C 57 11.71 -17.73 -1.69
N PHE C 58 10.69 -18.29 -2.31
CA PHE C 58 10.71 -18.88 -3.63
C PHE C 58 11.52 -20.16 -3.75
N THR C 59 12.15 -20.65 -2.68
CA THR C 59 12.92 -21.88 -2.77
C THR C 59 12.00 -23.10 -2.77
N PRO C 60 12.47 -24.24 -3.28
CA PRO C 60 11.54 -25.32 -3.62
C PRO C 60 10.66 -25.81 -2.49
N THR C 61 11.25 -26.27 -1.38
CA THR C 61 10.43 -26.75 -0.28
C THR C 61 9.55 -25.62 0.26
N CYS C 62 10.11 -24.41 0.38
CA CYS C 62 9.36 -23.30 0.95
C CYS C 62 8.14 -22.97 0.10
N GLN C 63 8.29 -23.02 -1.22
CA GLN C 63 7.21 -22.65 -2.15
C GLN C 63 6.31 -23.85 -2.45
N GLU C 64 6.92 -24.97 -2.86
CA GLU C 64 6.14 -26.08 -3.39
C GLU C 64 5.37 -26.83 -2.33
N LYS C 65 5.86 -26.84 -1.10
CA LYS C 65 5.21 -27.59 -0.04
C LYS C 65 4.79 -26.75 1.15
N HIS C 66 5.67 -25.88 1.66
CA HIS C 66 5.44 -25.27 2.96
C HIS C 66 4.38 -24.17 2.91
N VAL C 67 4.64 -23.09 2.16
CA VAL C 67 3.65 -22.02 2.11
C VAL C 67 2.38 -22.49 1.41
N THR C 68 2.52 -23.35 0.40
CA THR C 68 1.34 -23.82 -0.31
C THR C 68 0.47 -24.69 0.59
N GLY C 69 1.07 -25.41 1.52
CA GLY C 69 0.28 -26.19 2.46
C GLY C 69 -0.58 -25.31 3.35
N PHE C 70 0.01 -24.25 3.90
CA PHE C 70 -0.76 -23.32 4.71
C PHE C 70 -1.85 -22.63 3.90
N ILE C 71 -1.56 -22.21 2.67
CA ILE C 71 -2.58 -21.54 1.86
C ILE C 71 -3.75 -22.49 1.63
N ALA C 72 -3.47 -23.74 1.30
CA ALA C 72 -4.55 -24.68 0.97
C ALA C 72 -5.49 -24.90 2.16
N LYS C 73 -4.99 -24.73 3.38
CA LYS C 73 -5.75 -25.05 4.58
C LYS C 73 -6.03 -23.81 5.43
N LEU C 74 -6.09 -22.64 4.80
CA LEU C 74 -6.42 -21.44 5.54
C LEU C 74 -7.80 -21.52 6.18
N ASP C 75 -8.76 -22.14 5.48
CA ASP C 75 -10.08 -22.30 6.07
C ASP C 75 -10.03 -23.14 7.34
N GLN C 76 -9.28 -24.25 7.31
CA GLN C 76 -9.16 -25.10 8.49
C GLN C 76 -8.47 -24.33 9.62
N LEU C 77 -7.48 -23.50 9.28
CA LEU C 77 -6.79 -22.72 10.31
C LEU C 77 -7.74 -21.70 10.92
N ARG C 78 -8.53 -21.00 10.08
CA ARG C 78 -9.54 -20.09 10.61
C ARG C 78 -10.48 -20.81 11.58
N GLN C 79 -11.02 -21.95 11.15
CA GLN C 79 -11.98 -22.66 11.98
C GLN C 79 -11.33 -23.23 13.24
N ALA C 80 -10.02 -23.44 13.23
CA ALA C 80 -9.30 -23.89 14.42
C ALA C 80 -8.98 -22.74 15.38
N GLY C 81 -9.36 -21.51 15.04
CA GLY C 81 -9.15 -20.38 15.90
C GLY C 81 -7.95 -19.51 15.60
N VAL C 82 -7.27 -19.73 14.48
CA VAL C 82 -6.09 -18.95 14.16
C VAL C 82 -6.52 -17.56 13.70
N ASP C 83 -5.96 -16.52 14.32
CA ASP C 83 -6.29 -15.16 13.97
C ASP C 83 -5.32 -14.55 12.98
N ARG C 84 -4.08 -15.03 12.94
CA ARG C 84 -3.08 -14.48 12.02
C ARG C 84 -2.01 -15.51 11.75
N VAL C 85 -1.51 -15.52 10.52
CA VAL C 85 -0.43 -16.37 10.08
C VAL C 85 0.66 -15.49 9.52
N LEU C 86 1.89 -15.67 10.01
CA LEU C 86 3.05 -14.88 9.60
C LEU C 86 4.09 -15.82 9.02
N PHE C 87 4.61 -15.46 7.84
CA PHE C 87 5.73 -16.17 7.23
C PHE C 87 6.92 -15.24 7.19
N ILE C 88 8.03 -15.65 7.84
CA ILE C 88 9.23 -14.84 7.85
C ILE C 88 10.36 -15.59 7.15
N ALA C 89 11.33 -14.80 6.67
CA ALA C 89 12.59 -15.33 6.15
C ALA C 89 13.61 -14.19 6.23
N SER C 90 14.86 -14.53 5.92
CA SER C 90 15.91 -13.53 5.93
C SER C 90 15.92 -12.65 4.70
N ASN C 91 15.21 -13.04 3.62
CA ASN C 91 15.07 -12.18 2.45
C ASN C 91 14.55 -10.81 2.88
N ASP C 92 14.96 -9.77 2.15
CA ASP C 92 14.53 -8.41 2.45
C ASP C 92 13.03 -8.26 2.20
N ALA C 93 12.48 -7.15 2.69
CA ALA C 93 11.04 -6.98 2.66
C ALA C 93 10.48 -6.88 1.24
N PHE C 94 11.28 -6.40 0.30
CA PHE C 94 10.81 -6.29 -1.08
C PHE C 94 10.62 -7.67 -1.67
N VAL C 95 11.56 -8.58 -1.42
CA VAL C 95 11.43 -9.95 -1.91
C VAL C 95 10.29 -10.67 -1.18
N MET C 96 10.16 -10.46 0.12
CA MET C 96 9.07 -11.12 0.85
C MET C 96 7.70 -10.68 0.34
N SER C 97 7.55 -9.37 0.07
CA SER C 97 6.31 -8.86 -0.47
C SER C 97 6.01 -9.49 -1.81
N ALA C 98 7.03 -9.58 -2.68
CA ALA C 98 6.86 -10.23 -3.98
C ALA C 98 6.46 -11.69 -3.81
N TRP C 99 7.02 -12.39 -2.82
CA TRP C 99 6.73 -13.79 -2.62
C TRP C 99 5.26 -13.97 -2.25
N GLY C 100 4.74 -13.11 -1.38
CA GLY C 100 3.32 -13.14 -1.05
C GLY C 100 2.44 -12.93 -2.27
N LYS C 101 2.77 -11.91 -3.07
CA LYS C 101 1.99 -11.65 -4.27
C LYS C 101 2.05 -12.83 -5.25
N ALA C 102 3.23 -13.44 -5.39
CA ALA C 102 3.37 -14.57 -6.30
C ALA C 102 2.41 -15.69 -5.96
N ASN C 103 2.04 -15.81 -4.69
CA ASN C 103 1.12 -16.82 -4.21
C ASN C 103 -0.31 -16.31 -4.13
N GLY C 104 -0.58 -15.14 -4.68
CA GLY C 104 -1.94 -14.62 -4.78
C GLY C 104 -2.52 -14.06 -3.51
N ILE C 105 -1.69 -13.74 -2.52
CA ILE C 105 -2.15 -13.23 -1.24
C ILE C 105 -2.17 -11.70 -1.33
N LYS C 106 -3.36 -11.13 -1.28
CA LYS C 106 -3.51 -9.70 -1.43
C LYS C 106 -4.04 -9.06 -0.15
N ASP C 107 -4.24 -9.84 0.91
CA ASP C 107 -4.80 -9.32 2.16
C ASP C 107 -3.91 -9.80 3.30
N GLU C 108 -4.47 -9.89 4.50
CA GLU C 108 -3.68 -10.26 5.67
C GLU C 108 -3.90 -11.71 6.10
N SER C 109 -4.42 -12.56 5.20
CA SER C 109 -4.60 -13.96 5.55
C SER C 109 -3.28 -14.59 5.92
N ILE C 110 -2.24 -14.30 5.16
CA ILE C 110 -0.86 -14.60 5.54
C ILE C 110 -0.03 -13.34 5.28
N LEU C 111 0.73 -12.91 6.29
CA LEU C 111 1.66 -11.81 6.09
C LEU C 111 3.05 -12.36 5.80
N PHE C 112 3.81 -11.63 4.99
CA PHE C 112 5.14 -12.04 4.54
C PHE C 112 6.10 -10.95 4.95
N LEU C 113 6.98 -11.25 5.90
CA LEU C 113 7.84 -10.27 6.55
C LEU C 113 9.28 -10.76 6.57
N SER C 114 10.18 -9.82 6.76
CA SER C 114 11.61 -10.10 6.79
C SER C 114 12.12 -10.12 8.22
N ASP C 115 12.74 -11.23 8.62
CA ASP C 115 13.51 -11.31 9.87
C ASP C 115 14.88 -10.73 9.59
N SER C 116 14.95 -9.39 9.66
CA SER C 116 16.16 -8.67 9.28
C SER C 116 17.38 -9.23 9.99
N ASP C 117 18.38 -9.63 9.20
CA ASP C 117 19.63 -10.19 9.72
C ASP C 117 19.39 -11.37 10.65
N THR C 118 18.30 -12.10 10.43
CA THR C 118 17.88 -13.21 11.27
C THR C 118 17.89 -12.83 12.75
N ALA C 119 17.61 -11.57 13.05
CA ALA C 119 17.69 -11.09 14.43
C ALA C 119 16.86 -11.94 15.36
N PHE C 120 15.60 -12.20 15.00
CA PHE C 120 14.74 -12.99 15.89
C PHE C 120 15.13 -14.46 15.88
N SER C 121 15.30 -15.03 14.69
CA SER C 121 15.60 -16.45 14.60
C SER C 121 16.88 -16.78 15.34
N SER C 122 17.88 -15.91 15.24
CA SER C 122 19.14 -16.14 15.95
C SER C 122 18.92 -16.09 17.46
N SER C 123 18.03 -15.19 17.91
CA SER C 123 17.82 -15.01 19.35
C SER C 123 17.18 -16.23 19.98
N ILE C 124 16.49 -17.07 19.22
CA ILE C 124 15.92 -18.31 19.73
C ILE C 124 16.70 -19.53 19.26
N GLY C 125 17.85 -19.31 18.61
CA GLY C 125 18.74 -20.40 18.29
C GLY C 125 18.45 -21.14 17.00
N TRP C 126 17.59 -20.59 16.14
CA TRP C 126 17.17 -21.32 14.94
C TRP C 126 17.46 -20.56 13.66
N ALA C 127 18.74 -20.21 13.45
CA ALA C 127 19.19 -19.60 12.22
C ALA C 127 20.59 -20.13 11.90
N ASN C 128 20.95 -20.08 10.63
N ASN C 128 20.92 -20.13 10.62
CA ASN C 128 22.32 -20.47 10.25
CA ASN C 128 22.25 -20.53 10.16
C ASN C 128 22.74 -19.69 9.02
C ASN C 128 22.69 -19.63 9.01
N ALA C 129 23.86 -18.99 9.14
CA ALA C 129 24.55 -18.39 8.00
C ALA C 129 23.63 -17.48 7.20
N GLY C 130 22.98 -16.57 7.91
CA GLY C 130 22.20 -15.55 7.27
C GLY C 130 20.85 -15.98 6.78
N ARG C 131 20.46 -17.22 7.01
CA ARG C 131 19.11 -17.68 6.72
C ARG C 131 18.47 -18.16 8.02
N THR C 132 17.17 -17.92 8.17
CA THR C 132 16.45 -18.53 9.27
C THR C 132 16.35 -20.04 9.05
N GLY C 133 16.12 -20.78 10.12
CA GLY C 133 15.73 -22.16 10.01
C GLY C 133 14.33 -22.28 9.46
N ARG C 134 13.87 -23.53 9.36
CA ARG C 134 12.48 -23.84 9.05
C ARG C 134 11.81 -24.26 10.35
N TYR C 135 10.91 -23.42 10.85
CA TYR C 135 10.25 -23.69 12.11
C TYR C 135 8.89 -23.03 12.17
N ALA C 136 8.08 -23.50 13.13
CA ALA C 136 6.75 -22.97 13.37
C ALA C 136 6.60 -22.71 14.87
N ILE C 137 6.00 -21.58 15.19
CA ILE C 137 5.66 -21.20 16.56
C ILE C 137 4.17 -20.90 16.59
N VAL C 138 3.44 -21.64 17.41
CA VAL C 138 2.02 -21.36 17.68
C VAL C 138 1.96 -20.58 18.98
N VAL C 139 1.24 -19.47 18.98
CA VAL C 139 1.13 -18.57 20.11
C VAL C 139 -0.34 -18.29 20.38
N LYS C 140 -0.68 -18.16 21.67
CA LYS C 140 -2.03 -17.78 22.07
C LYS C 140 -1.92 -16.81 23.23
N ASP C 141 -2.43 -15.59 23.02
CA ASP C 141 -2.46 -14.57 24.06
C ASP C 141 -1.08 -14.35 24.67
N GLY C 142 -0.08 -14.28 23.82
CA GLY C 142 1.26 -13.98 24.23
C GLY C 142 2.04 -15.12 24.81
N LYS C 143 1.51 -16.33 24.80
CA LYS C 143 2.15 -17.50 25.39
C LYS C 143 2.39 -18.55 24.31
N VAL C 144 3.58 -19.11 24.29
CA VAL C 144 3.91 -20.14 23.32
C VAL C 144 3.09 -21.39 23.63
N VAL C 145 2.46 -21.95 22.61
CA VAL C 145 1.80 -23.24 22.69
C VAL C 145 2.70 -24.36 22.18
N TYR C 146 3.47 -24.07 21.14
CA TYR C 146 4.21 -25.07 20.38
C TYR C 146 5.31 -24.34 19.64
N ALA C 147 6.52 -24.88 19.68
CA ALA C 147 7.63 -24.31 18.92
C ALA C 147 8.50 -25.47 18.49
N ALA C 148 8.66 -25.66 17.18
CA ALA C 148 9.38 -26.82 16.65
C ALA C 148 10.10 -26.43 15.38
N VAL C 149 11.26 -27.04 15.16
CA VAL C 149 12.12 -26.75 14.03
C VAL C 149 12.35 -28.04 13.23
N ASP C 150 12.23 -27.94 11.91
CA ASP C 150 12.57 -29.06 11.03
C ASP C 150 14.06 -29.04 10.73
N THR C 151 14.77 -30.08 11.15
CA THR C 151 16.20 -30.19 10.91
C THR C 151 16.53 -31.07 9.71
N VAL C 152 15.55 -31.76 9.13
CA VAL C 152 15.77 -32.61 7.96
C VAL C 152 15.41 -31.79 6.72
N ARG C 153 16.36 -31.66 5.80
CA ARG C 153 16.12 -30.85 4.62
C ARG C 153 14.92 -31.39 3.84
N GLY C 154 14.08 -30.48 3.36
CA GLY C 154 12.93 -30.84 2.57
C GLY C 154 11.73 -31.29 3.36
N SER C 155 11.84 -31.43 4.68
CA SER C 155 10.75 -31.90 5.50
C SER C 155 10.00 -30.75 6.14
N THR C 156 8.67 -30.88 6.19
CA THR C 156 7.81 -29.97 6.95
C THR C 156 7.11 -30.74 8.07
N GLU C 157 7.75 -31.81 8.55
CA GLU C 157 7.14 -32.63 9.59
C GLU C 157 6.77 -31.81 10.82
N LYS C 158 7.66 -30.93 11.24
CA LYS C 158 7.50 -30.20 12.51
C LYS C 158 6.87 -28.83 12.31
N SER C 159 7.08 -28.21 11.15
CA SER C 159 6.65 -26.84 10.94
C SER C 159 5.60 -26.68 9.85
N GLY C 160 5.11 -27.78 9.28
CA GLY C 160 4.11 -27.69 8.25
C GLY C 160 2.72 -27.51 8.82
N VAL C 161 1.76 -27.23 7.93
CA VAL C 161 0.43 -26.86 8.40
C VAL C 161 -0.25 -28.01 9.13
N ASP C 162 0.02 -29.25 8.70
CA ASP C 162 -0.63 -30.39 9.36
C ASP C 162 -0.15 -30.51 10.81
N ALA C 163 1.13 -30.28 11.05
CA ALA C 163 1.63 -30.30 12.43
C ALA C 163 0.94 -29.25 13.27
N VAL C 164 0.77 -28.04 12.72
CA VAL C 164 0.12 -26.96 13.45
C VAL C 164 -1.34 -27.31 13.73
N LEU C 165 -2.05 -27.85 12.73
CA LEU C 165 -3.45 -28.22 12.95
C LEU C 165 -3.58 -29.31 14.00
N THR C 166 -2.62 -30.24 14.05
CA THR C 166 -2.63 -31.25 15.11
C THR C 166 -2.44 -30.62 16.47
N VAL C 167 -1.53 -29.66 16.58
CA VAL C 167 -1.32 -28.95 17.84
C VAL C 167 -2.61 -28.25 18.26
N LEU C 168 -3.26 -27.57 17.32
CA LEU C 168 -4.45 -26.79 17.66
C LEU C 168 -5.62 -27.69 18.03
N GLY C 169 -5.76 -28.82 17.33
CA GLY C 169 -6.82 -29.76 17.69
C GLY C 169 -6.55 -30.43 19.02
N ASN C 170 -5.28 -30.52 19.41
CA ASN C 170 -4.91 -31.11 20.68
C ASN C 170 -5.16 -30.15 21.84
N GLN C 171 -5.09 -28.85 21.60
CA GLN C 171 -5.32 -27.85 22.64
C GLN C 171 -6.81 -27.52 22.75
N PRO D 5 39.88 -3.48 -10.92
CA PRO D 5 39.14 -2.57 -11.81
C PRO D 5 39.29 -2.93 -13.28
N LEU D 6 38.30 -3.64 -13.83
CA LEU D 6 38.36 -4.04 -15.23
C LEU D 6 38.48 -2.81 -16.14
N GLN D 7 39.25 -2.95 -17.20
CA GLN D 7 39.50 -1.88 -18.15
C GLN D 7 39.19 -2.37 -19.57
N PRO D 8 38.78 -1.46 -20.46
CA PRO D 8 38.61 -1.85 -21.87
C PRO D 8 39.89 -2.49 -22.42
N GLY D 9 39.72 -3.64 -23.07
CA GLY D 9 40.82 -4.40 -23.60
C GLY D 9 41.26 -5.56 -22.73
N ASP D 10 41.00 -5.49 -21.42
CA ASP D 10 41.32 -6.61 -20.55
C ASP D 10 40.56 -7.85 -21.02
N SER D 11 41.16 -9.02 -20.77
CA SER D 11 40.44 -10.27 -20.94
C SER D 11 39.35 -10.37 -19.87
N PHE D 12 38.17 -10.87 -20.26
CA PHE D 12 37.16 -11.16 -19.26
C PHE D 12 37.68 -12.23 -18.32
N PRO D 13 37.52 -12.08 -17.01
CA PRO D 13 38.10 -13.05 -16.08
C PRO D 13 37.67 -14.47 -16.41
N ALA D 14 38.54 -15.42 -16.09
CA ALA D 14 38.25 -16.83 -16.30
C ALA D 14 37.55 -17.43 -15.07
N ASN D 15 36.89 -18.57 -15.30
CA ASN D 15 36.25 -19.33 -14.23
C ASN D 15 35.14 -18.54 -13.55
N VAL D 16 34.46 -17.68 -14.29
CA VAL D 16 33.31 -16.94 -13.76
C VAL D 16 32.08 -17.81 -13.94
N VAL D 17 31.40 -18.14 -12.85
CA VAL D 17 30.19 -18.95 -12.92
C VAL D 17 29.08 -18.28 -12.12
N PHE D 18 27.84 -18.43 -12.60
CA PHE D 18 26.67 -17.99 -11.88
C PHE D 18 25.73 -19.18 -11.70
N SER D 19 24.80 -19.03 -10.76
CA SER D 19 23.73 -20.01 -10.51
C SER D 19 22.42 -19.42 -11.02
N TYR D 20 21.71 -20.18 -11.84
CA TYR D 20 20.47 -19.67 -12.39
C TYR D 20 19.50 -20.79 -12.72
N ILE D 21 18.24 -20.41 -12.84
CA ILE D 21 17.18 -21.30 -13.30
C ILE D 21 16.96 -21.03 -14.78
N PRO D 22 17.21 -21.99 -15.67
CA PRO D 22 16.93 -21.76 -17.09
C PRO D 22 15.49 -21.39 -17.31
N PRO D 23 15.20 -20.43 -18.18
CA PRO D 23 13.80 -20.12 -18.48
C PRO D 23 13.09 -21.31 -19.13
N THR D 24 11.75 -21.22 -19.17
CA THR D 24 10.95 -22.30 -19.74
C THR D 24 9.85 -21.86 -20.69
N GLY D 25 9.50 -20.58 -20.73
CA GLY D 25 8.33 -20.14 -21.45
C GLY D 25 7.12 -19.95 -20.58
N SER D 26 7.25 -20.16 -19.27
CA SER D 26 6.17 -19.93 -18.34
C SER D 26 6.52 -18.75 -17.44
N LEU D 27 5.52 -17.90 -17.19
CA LEU D 27 5.65 -16.81 -16.23
C LEU D 27 5.02 -17.15 -14.90
N ASP D 28 4.77 -18.44 -14.64
CA ASP D 28 4.15 -18.88 -13.39
C ASP D 28 5.14 -18.70 -12.24
N LEU D 29 4.89 -17.69 -11.40
CA LEU D 29 5.79 -17.38 -10.30
C LEU D 29 5.77 -18.42 -9.19
N THR D 30 4.82 -19.35 -9.18
CA THR D 30 4.77 -20.38 -8.16
C THR D 30 5.62 -21.60 -8.53
N VAL D 31 6.23 -21.60 -9.70
CA VAL D 31 7.15 -22.66 -10.10
C VAL D 31 8.55 -22.23 -9.68
N SER D 32 9.12 -22.94 -8.70
CA SER D 32 10.38 -22.50 -8.12
C SER D 32 11.54 -22.68 -9.10
N GLY D 33 11.54 -23.79 -9.86
CA GLY D 33 12.67 -24.14 -10.70
C GLY D 33 13.73 -24.93 -9.94
N ARG D 34 14.74 -25.33 -10.65
CA ARG D 34 15.90 -26.04 -10.09
C ARG D 34 17.15 -25.45 -10.73
N PRO D 35 18.08 -24.92 -9.94
CA PRO D 35 19.18 -24.17 -10.51
C PRO D 35 20.29 -25.07 -11.07
N ILE D 36 21.03 -24.50 -12.01
CA ILE D 36 22.24 -25.10 -12.54
C ILE D 36 23.31 -24.03 -12.62
N GLU D 37 24.54 -24.46 -12.88
CA GLU D 37 25.66 -23.54 -13.04
C GLU D 37 25.71 -23.00 -14.46
N TYR D 38 25.92 -21.70 -14.57
CA TYR D 38 26.07 -20.99 -15.84
C TYR D 38 27.52 -20.56 -15.95
N ASN D 39 28.24 -21.12 -16.94
CA ASN D 39 29.65 -20.81 -17.14
C ASN D 39 29.75 -19.51 -17.94
N ALA D 40 29.86 -18.39 -17.22
CA ALA D 40 29.86 -17.09 -17.88
C ALA D 40 31.15 -16.85 -18.66
N SER D 41 32.30 -17.23 -18.10
CA SER D 41 33.55 -17.07 -18.83
C SER D 41 33.51 -17.81 -20.15
N GLU D 42 32.88 -18.97 -20.17
CA GLU D 42 32.71 -19.71 -21.42
C GLU D 42 31.68 -19.04 -22.32
N ALA D 43 30.56 -18.60 -21.76
CA ALA D 43 29.51 -18.00 -22.57
C ALA D 43 29.96 -16.71 -23.23
N LEU D 44 30.81 -15.93 -22.56
CA LEU D 44 31.25 -14.63 -23.05
C LEU D 44 32.45 -14.72 -23.98
N ALA D 45 32.97 -15.92 -24.24
CA ALA D 45 34.11 -16.07 -25.13
C ALA D 45 33.75 -15.84 -26.59
N LYS D 46 32.47 -15.97 -26.95
CA LYS D 46 32.02 -15.80 -28.32
C LYS D 46 30.90 -14.78 -28.35
N GLY D 47 30.92 -13.90 -29.34
CA GLY D 47 29.88 -12.91 -29.50
C GLY D 47 30.03 -11.71 -28.57
N THR D 48 28.99 -10.88 -28.59
CA THR D 48 28.93 -9.68 -27.77
C THR D 48 27.94 -9.91 -26.62
N SER D 49 28.37 -9.60 -25.41
CA SER D 49 27.57 -9.83 -24.23
C SER D 49 27.43 -8.54 -23.43
N VAL D 50 26.31 -8.41 -22.73
CA VAL D 50 26.08 -7.30 -21.80
C VAL D 50 25.75 -7.92 -20.44
N LEU D 51 26.60 -7.67 -19.45
CA LEU D 51 26.45 -8.18 -18.09
C LEU D 51 26.16 -7.01 -17.17
N VAL D 52 24.97 -7.01 -16.57
CA VAL D 52 24.53 -5.95 -15.70
C VAL D 52 24.30 -6.53 -14.31
N ALA D 53 24.88 -5.89 -13.30
CA ALA D 53 24.69 -6.27 -11.90
C ALA D 53 23.85 -5.21 -11.20
N VAL D 54 22.92 -5.67 -10.36
CA VAL D 54 22.05 -4.76 -9.60
C VAL D 54 22.18 -5.07 -8.12
N PRO D 55 22.04 -4.08 -7.24
CA PRO D 55 22.15 -4.36 -5.80
C PRO D 55 21.10 -5.34 -5.29
N GLY D 56 19.91 -5.37 -5.89
CA GLY D 56 18.91 -6.30 -5.41
C GLY D 56 17.69 -6.52 -6.27
N ALA D 57 17.37 -7.78 -6.54
CA ALA D 57 16.12 -8.10 -7.21
C ALA D 57 14.95 -7.51 -6.43
N PHE D 58 13.94 -7.03 -7.16
CA PHE D 58 12.72 -6.42 -6.64
C PHE D 58 12.92 -5.13 -5.83
N THR D 59 14.11 -4.61 -5.72
CA THR D 59 14.24 -3.34 -5.02
C THR D 59 13.86 -2.18 -5.95
N PRO D 60 13.42 -1.05 -5.39
CA PRO D 60 12.81 -0.01 -6.24
C PRO D 60 13.65 0.46 -7.41
N THR D 61 14.89 0.86 -7.17
CA THR D 61 15.70 1.40 -8.27
C THR D 61 15.97 0.33 -9.32
N CYS D 62 16.34 -0.87 -8.87
CA CYS D 62 16.66 -1.95 -9.80
C CYS D 62 15.45 -2.30 -10.65
N GLN D 63 14.25 -2.22 -10.07
CA GLN D 63 13.04 -2.60 -10.77
C GLN D 63 12.53 -1.45 -11.63
N GLU D 64 12.21 -0.32 -10.99
CA GLU D 64 11.44 0.72 -11.65
C GLU D 64 12.21 1.36 -12.80
N LYS D 65 13.53 1.31 -12.75
CA LYS D 65 14.29 2.07 -13.73
C LYS D 65 15.37 1.28 -14.45
N HIS D 66 16.13 0.46 -13.74
CA HIS D 66 17.30 -0.16 -14.37
C HIS D 66 16.89 -1.30 -15.29
N VAL D 67 16.24 -2.32 -14.74
CA VAL D 67 15.92 -3.49 -15.55
C VAL D 67 14.87 -3.15 -16.61
N THR D 68 13.89 -2.32 -16.26
CA THR D 68 12.86 -1.95 -17.22
C THR D 68 13.46 -1.22 -18.40
N GLY D 69 14.51 -0.43 -18.18
CA GLY D 69 15.16 0.26 -19.29
C GLY D 69 15.77 -0.69 -20.29
N PHE D 70 16.38 -1.78 -19.81
CA PHE D 70 16.96 -2.75 -20.73
C PHE D 70 15.88 -3.52 -21.46
N ILE D 71 14.79 -3.84 -20.76
CA ILE D 71 13.69 -4.54 -21.41
C ILE D 71 13.07 -3.68 -22.49
N ALA D 72 12.88 -2.40 -22.21
CA ALA D 72 12.21 -1.51 -23.15
C ALA D 72 12.97 -1.37 -24.46
N LYS D 73 14.26 -1.64 -24.46
CA LYS D 73 15.10 -1.42 -25.63
C LYS D 73 15.86 -2.67 -26.02
N LEU D 74 15.24 -3.84 -25.83
CA LEU D 74 15.87 -5.09 -26.25
C LEU D 74 16.06 -5.15 -27.75
N ASP D 75 15.18 -4.52 -28.52
CA ASP D 75 15.34 -4.54 -29.98
C ASP D 75 16.54 -3.72 -30.42
N GLN D 76 16.78 -2.58 -29.77
CA GLN D 76 17.95 -1.78 -30.11
C GLN D 76 19.23 -2.52 -29.76
N LEU D 77 19.26 -3.17 -28.60
CA LEU D 77 20.41 -3.98 -28.22
C LEU D 77 20.65 -5.10 -29.22
N ARG D 78 19.57 -5.76 -29.66
CA ARG D 78 19.69 -6.80 -30.67
C ARG D 78 20.28 -6.23 -31.96
N GLN D 79 19.70 -5.14 -32.47
CA GLN D 79 20.21 -4.54 -33.69
CA GLN D 79 20.21 -4.54 -33.69
C GLN D 79 21.66 -4.11 -33.53
N ALA D 80 22.05 -3.67 -32.33
CA ALA D 80 23.43 -3.26 -32.10
C ALA D 80 24.40 -4.43 -32.01
N GLY D 81 23.92 -5.66 -32.15
CA GLY D 81 24.78 -6.82 -32.16
C GLY D 81 24.88 -7.59 -30.85
N VAL D 82 24.05 -7.27 -29.87
CA VAL D 82 24.13 -7.96 -28.59
C VAL D 82 23.57 -9.37 -28.77
N ASP D 83 24.39 -10.37 -28.43
CA ASP D 83 23.97 -11.77 -28.51
C ASP D 83 23.33 -12.27 -27.21
N ARG D 84 23.63 -11.66 -26.08
CA ARG D 84 23.07 -12.12 -24.82
C ARG D 84 23.16 -11.01 -23.78
N VAL D 85 22.14 -10.93 -22.92
CA VAL D 85 22.08 -9.95 -21.85
C VAL D 85 21.88 -10.72 -20.55
N LEU D 86 22.77 -10.48 -19.59
CA LEU D 86 22.71 -11.14 -18.30
C LEU D 86 22.51 -10.11 -17.19
N PHE D 87 21.50 -10.31 -16.36
CA PHE D 87 21.32 -9.54 -15.13
C PHE D 87 21.69 -10.41 -13.95
N ILE D 88 22.58 -9.93 -13.10
CA ILE D 88 23.01 -10.68 -11.92
C ILE D 88 22.76 -9.84 -10.69
N ALA D 89 22.63 -10.52 -9.56
CA ALA D 89 22.56 -9.92 -8.24
C ALA D 89 22.99 -10.99 -7.25
N SER D 90 23.14 -10.60 -5.99
CA SER D 90 23.48 -11.57 -4.96
C SER D 90 22.29 -12.43 -4.55
N ASN D 91 21.06 -12.02 -4.89
CA ASN D 91 19.88 -12.84 -4.63
C ASN D 91 20.08 -14.22 -5.25
N ASP D 92 19.48 -15.24 -4.61
CA ASP D 92 19.69 -16.60 -5.09
C ASP D 92 18.93 -16.82 -6.40
N ALA D 93 19.22 -17.95 -7.05
CA ALA D 93 18.68 -18.23 -8.37
C ALA D 93 17.16 -18.21 -8.35
N PHE D 94 16.56 -18.67 -7.26
CA PHE D 94 15.11 -18.74 -7.22
C PHE D 94 14.49 -17.36 -7.19
N VAL D 95 15.07 -16.44 -6.42
CA VAL D 95 14.58 -15.07 -6.39
C VAL D 95 14.81 -14.39 -7.73
N MET D 96 15.98 -14.61 -8.32
CA MET D 96 16.29 -13.99 -9.61
C MET D 96 15.34 -14.47 -10.68
N SER D 97 15.01 -15.78 -10.69
CA SER D 97 14.07 -16.30 -11.67
C SER D 97 12.69 -15.67 -11.50
N ALA D 98 12.23 -15.57 -10.26
CA ALA D 98 10.96 -14.90 -10.00
C ALA D 98 10.98 -13.47 -10.51
N TRP D 99 12.12 -12.78 -10.33
CA TRP D 99 12.22 -11.38 -10.76
C TRP D 99 12.09 -11.27 -12.28
N GLY D 100 12.73 -12.19 -13.01
CA GLY D 100 12.63 -12.17 -14.46
C GLY D 100 11.21 -12.43 -14.91
N LYS D 101 10.56 -13.43 -14.32
CA LYS D 101 9.17 -13.72 -14.65
C LYS D 101 8.26 -12.58 -14.26
N ALA D 102 8.54 -11.91 -13.13
CA ALA D 102 7.75 -10.74 -12.76
C ALA D 102 7.80 -9.68 -13.85
N ASN D 103 8.93 -9.56 -14.55
CA ASN D 103 9.11 -8.60 -15.62
C ASN D 103 8.75 -9.19 -16.99
N GLY D 104 8.05 -10.33 -17.03
CA GLY D 104 7.55 -10.87 -18.26
C GLY D 104 8.55 -11.60 -19.12
N ILE D 105 9.74 -11.88 -18.60
CA ILE D 105 10.77 -12.57 -19.37
C ILE D 105 10.64 -14.06 -19.12
N LYS D 106 10.51 -14.82 -20.22
CA LYS D 106 10.40 -16.27 -20.15
C LYS D 106 11.32 -16.96 -21.16
N ASP D 107 12.35 -16.27 -21.63
CA ASP D 107 13.28 -16.83 -22.60
C ASP D 107 14.67 -16.27 -22.31
N GLU D 108 15.60 -16.46 -23.25
CA GLU D 108 16.97 -16.03 -23.05
C GLU D 108 17.22 -14.59 -23.51
N SER D 109 16.17 -13.83 -23.82
CA SER D 109 16.35 -12.42 -24.16
C SER D 109 17.12 -11.71 -23.06
N ILE D 110 16.73 -11.95 -21.80
CA ILE D 110 17.49 -11.54 -20.63
C ILE D 110 17.55 -12.73 -19.69
N LEU D 111 18.76 -13.12 -19.29
CA LEU D 111 18.94 -14.13 -18.26
C LEU D 111 19.09 -13.45 -16.90
N PHE D 112 18.53 -14.08 -15.87
CA PHE D 112 18.57 -13.59 -14.49
C PHE D 112 19.29 -14.64 -13.64
N LEU D 113 20.49 -14.30 -13.17
CA LEU D 113 21.37 -15.24 -12.51
C LEU D 113 21.87 -14.65 -11.20
N SER D 114 22.38 -15.53 -10.35
CA SER D 114 22.86 -15.18 -9.04
C SER D 114 24.39 -15.22 -8.99
N ASP D 115 24.99 -14.11 -8.58
CA ASP D 115 26.41 -14.06 -8.26
C ASP D 115 26.58 -14.57 -6.83
N SER D 116 26.60 -15.89 -6.69
CA SER D 116 26.60 -16.52 -5.37
C SER D 116 27.70 -15.94 -4.49
N ASP D 117 27.29 -15.40 -3.33
CA ASP D 117 28.22 -14.83 -2.35
C ASP D 117 29.06 -13.70 -2.97
N THR D 118 28.48 -13.00 -3.94
CA THR D 118 29.16 -11.95 -4.69
C THR D 118 30.57 -12.36 -5.08
N ALA D 119 30.77 -13.62 -5.43
CA ALA D 119 32.12 -14.10 -5.75
C ALA D 119 32.71 -13.31 -6.92
N PHE D 120 31.98 -13.21 -8.03
CA PHE D 120 32.50 -12.50 -9.19
C PHE D 120 32.64 -11.01 -8.91
N SER D 121 31.58 -10.38 -8.37
CA SER D 121 31.60 -8.95 -8.15
C SER D 121 32.71 -8.57 -7.17
N SER D 122 32.92 -9.39 -6.14
CA SER D 122 34.02 -9.12 -5.21
C SER D 122 35.37 -9.23 -5.90
N SER D 123 35.53 -10.21 -6.79
CA SER D 123 36.82 -10.39 -7.45
C SER D 123 37.22 -9.19 -8.28
N ILE D 124 36.26 -8.37 -8.72
CA ILE D 124 36.57 -7.18 -9.51
C ILE D 124 36.35 -5.91 -8.72
N GLY D 125 36.10 -6.03 -7.42
CA GLY D 125 36.06 -4.88 -6.54
C GLY D 125 34.75 -4.11 -6.52
N TRP D 126 33.68 -4.68 -7.07
CA TRP D 126 32.40 -3.97 -7.14
C TRP D 126 31.32 -4.73 -6.40
N ALA D 127 31.56 -5.03 -5.13
CA ALA D 127 30.56 -5.63 -4.26
C ALA D 127 30.85 -5.16 -2.84
N ASN D 128 29.86 -5.33 -1.96
N ASN D 128 29.84 -5.28 -1.98
CA ASN D 128 29.98 -4.86 -0.59
CA ASN D 128 30.07 -4.94 -0.58
C ASN D 128 28.93 -5.53 0.28
C ASN D 128 28.97 -5.51 0.29
N ALA D 129 29.38 -6.13 1.38
CA ALA D 129 28.49 -6.66 2.41
C ALA D 129 27.35 -7.50 1.83
N GLY D 130 27.71 -8.42 0.94
CA GLY D 130 26.79 -9.41 0.49
C GLY D 130 25.92 -9.03 -0.70
N ARG D 131 26.05 -7.82 -1.22
CA ARG D 131 25.35 -7.44 -2.44
C ARG D 131 26.34 -6.95 -3.49
N THR D 132 26.03 -7.23 -4.76
CA THR D 132 26.81 -6.66 -5.84
C THR D 132 26.56 -5.17 -5.91
N GLY D 133 27.49 -4.45 -6.52
CA GLY D 133 27.23 -3.07 -6.89
C GLY D 133 26.27 -3.00 -8.06
N ARG D 134 26.10 -1.80 -8.58
CA ARG D 134 25.33 -1.57 -9.81
C ARG D 134 26.33 -1.23 -10.90
N TYR D 135 26.56 -2.16 -11.82
CA TYR D 135 27.55 -1.94 -12.86
C TYR D 135 27.16 -2.69 -14.13
N ALA D 136 27.79 -2.30 -15.23
CA ALA D 136 27.58 -2.90 -16.54
C ALA D 136 28.93 -3.23 -17.16
N ILE D 137 29.01 -4.41 -17.74
CA ILE D 137 30.20 -4.85 -18.48
C ILE D 137 29.75 -5.27 -19.86
N VAL D 138 30.40 -4.73 -20.89
CA VAL D 138 30.17 -5.14 -22.28
C VAL D 138 31.39 -5.95 -22.70
N VAL D 139 31.13 -7.16 -23.22
CA VAL D 139 32.18 -8.08 -23.62
C VAL D 139 31.96 -8.44 -25.09
N LYS D 140 33.05 -8.57 -25.84
CA LYS D 140 33.01 -9.00 -27.24
C LYS D 140 34.10 -10.03 -27.44
N ASP D 141 33.70 -11.28 -27.68
CA ASP D 141 34.63 -12.37 -27.95
C ASP D 141 35.69 -12.46 -26.86
N GLY D 142 35.23 -12.48 -25.62
CA GLY D 142 36.12 -12.69 -24.49
C GLY D 142 36.88 -11.47 -24.02
N LYS D 143 36.69 -10.32 -24.65
CA LYS D 143 37.45 -9.13 -24.33
C LYS D 143 36.52 -8.06 -23.79
N VAL D 144 36.98 -7.35 -22.76
CA VAL D 144 36.20 -6.29 -22.12
C VAL D 144 36.17 -5.03 -23.00
N VAL D 145 34.96 -4.61 -23.35
CA VAL D 145 34.73 -3.45 -24.22
C VAL D 145 34.45 -2.25 -23.32
N TYR D 146 33.80 -2.50 -22.18
CA TYR D 146 33.30 -1.42 -21.32
C TYR D 146 33.03 -2.01 -19.94
N ALA D 147 33.36 -1.24 -18.90
CA ALA D 147 33.12 -1.67 -17.52
C ALA D 147 33.03 -0.43 -16.66
N ALA D 148 31.87 -0.21 -16.04
CA ALA D 148 31.63 0.99 -15.25
C ALA D 148 30.62 0.68 -14.16
N VAL D 149 30.81 1.31 -13.00
CA VAL D 149 29.97 1.08 -11.84
C VAL D 149 29.34 2.39 -11.42
N ASP D 150 28.06 2.35 -11.03
CA ASP D 150 27.35 3.50 -10.51
C ASP D 150 27.47 3.49 -8.99
N THR D 151 28.22 4.46 -8.44
CA THR D 151 28.36 4.60 -7.00
C THR D 151 27.37 5.59 -6.39
N VAL D 152 26.69 6.38 -7.22
CA VAL D 152 25.63 7.27 -6.75
C VAL D 152 24.35 6.45 -6.67
N ARG D 153 23.89 6.15 -5.46
CA ARG D 153 22.75 5.27 -5.31
C ARG D 153 21.54 5.88 -6.02
N GLY D 154 20.80 5.03 -6.71
CA GLY D 154 19.68 5.46 -7.52
C GLY D 154 20.01 5.85 -8.94
N SER D 155 21.29 5.93 -9.28
CA SER D 155 21.73 6.38 -10.59
C SER D 155 22.09 5.21 -11.48
N THR D 156 21.66 5.28 -12.74
CA THR D 156 22.06 4.32 -13.76
C THR D 156 22.85 5.01 -14.86
N GLU D 157 23.54 6.11 -14.51
CA GLU D 157 24.27 6.88 -15.50
C GLU D 157 25.27 6.00 -16.24
N LYS D 158 26.04 5.20 -15.51
CA LYS D 158 27.13 4.43 -16.08
C LYS D 158 26.75 2.99 -16.38
N SER D 159 25.69 2.46 -15.77
CA SER D 159 25.31 1.07 -15.97
C SER D 159 23.95 0.90 -16.63
N GLY D 160 23.28 1.99 -16.98
CA GLY D 160 22.00 1.91 -17.63
C GLY D 160 22.11 1.56 -19.10
N VAL D 161 20.95 1.21 -19.68
CA VAL D 161 20.93 0.73 -21.06
C VAL D 161 21.43 1.81 -22.02
N ASP D 162 21.15 3.07 -21.73
CA ASP D 162 21.61 4.14 -22.63
C ASP D 162 23.14 4.21 -22.67
N ALA D 163 23.78 4.08 -21.51
CA ALA D 163 25.24 4.04 -21.48
C ALA D 163 25.78 2.87 -22.29
N VAL D 164 25.11 1.71 -22.19
CA VAL D 164 25.53 0.54 -22.96
C VAL D 164 25.38 0.80 -24.45
N LEU D 165 24.20 1.30 -24.86
CA LEU D 165 23.96 1.57 -26.28
C LEU D 165 24.96 2.57 -26.83
N THR D 166 25.32 3.59 -26.05
CA THR D 166 26.35 4.52 -26.47
C THR D 166 27.67 3.79 -26.72
N VAL D 167 27.98 2.81 -25.87
CA VAL D 167 29.20 2.04 -26.06
C VAL D 167 29.13 1.23 -27.35
N LEU D 168 27.96 0.61 -27.61
CA LEU D 168 27.83 -0.24 -28.78
C LEU D 168 28.03 0.55 -30.07
N GLY D 169 27.51 1.77 -30.13
CA GLY D 169 27.65 2.60 -31.31
C GLY D 169 29.03 3.19 -31.50
N ASN D 170 29.97 2.92 -30.60
CA ASN D 170 31.31 3.45 -30.70
C ASN D 170 32.34 2.32 -30.79
S SO4 E . -29.19 21.31 -15.05
O1 SO4 E . -28.20 22.36 -15.35
O2 SO4 E . -28.63 20.00 -15.35
O3 SO4 E . -29.51 21.37 -13.63
O4 SO4 E . -30.40 21.54 -15.85
S SO4 F . -15.68 -2.19 -0.24
O1 SO4 F . -15.60 -0.79 -0.67
O2 SO4 F . -15.23 -3.05 -1.34
O3 SO4 F . -17.06 -2.53 0.11
O4 SO4 F . -14.81 -2.40 0.91
S SO4 G . -16.75 3.64 9.16
O1 SO4 G . -15.84 4.76 8.84
O2 SO4 G . -16.45 2.51 8.29
O3 SO4 G . -18.14 4.05 8.96
O4 SO4 G . -16.55 3.26 10.56
C1 GOL H . -2.18 32.01 12.29
O1 GOL H . -1.47 30.88 12.79
C2 GOL H . -3.40 32.10 13.17
O2 GOL H . -4.47 31.47 12.60
C3 GOL H . -3.70 33.56 13.35
O3 GOL H . -4.93 33.62 14.08
H2 GOL H . -3.21 31.68 14.01
HO2 GOL H . -5.14 31.99 12.59
H31 GOL H . -3.74 33.99 12.49
H32 GOL H . -2.95 33.98 13.82
HO3 GOL H . -4.88 33.10 14.73
S SO4 I . -13.09 26.62 8.10
O1 SO4 I . -12.11 27.69 7.91
O2 SO4 I . -12.44 25.34 7.86
O3 SO4 I . -13.62 26.66 9.45
O4 SO4 I . -14.19 26.81 7.14
S SO4 J . -20.65 18.28 9.53
O1 SO4 J . -21.53 19.44 9.56
O2 SO4 J . -19.93 18.24 8.26
O3 SO4 J . -21.44 17.05 9.66
O4 SO4 J . -19.72 18.35 10.65
S SO4 K . -11.44 -7.29 3.14
O1 SO4 K . -10.45 -8.27 3.56
O2 SO4 K . -11.14 -6.86 1.77
O3 SO4 K . -12.77 -7.87 3.18
O4 SO4 K . -11.39 -6.14 4.04
C1 GOL L . 7.70 -35.31 6.31
O1 GOL L . 9.04 -35.18 5.99
C2 GOL L . 6.93 -34.30 5.44
O2 GOL L . 7.72 -33.27 5.02
C3 GOL L . 5.83 -33.79 6.36
O3 GOL L . 5.01 -32.93 5.58
H2 GOL L . 6.57 -34.72 4.64
HO2 GOL L . 7.28 -32.77 4.51
H31 GOL L . 6.24 -33.34 7.11
H32 GOL L . 5.35 -34.55 6.73
HO3 GOL L . 5.55 -32.45 5.13
S SO4 M . -4.50 -8.50 13.72
O1 SO4 M . -3.08 -8.25 13.92
O2 SO4 M . -5.03 -7.54 12.77
O3 SO4 M . -5.21 -8.35 14.98
O4 SO4 M . -4.69 -9.86 13.22
S SO4 N . 15.10 -27.16 -0.60
O1 SO4 N . 16.02 -27.45 -1.71
O2 SO4 N . 13.75 -27.45 -1.03
O3 SO4 N . 15.21 -25.74 -0.24
O4 SO4 N . 15.44 -27.97 0.57
S SO4 O . 12.85 7.44 1.57
O1 SO4 O . 14.17 8.01 1.27
O2 SO4 O . 12.81 6.05 1.15
O3 SO4 O . 12.59 7.52 3.01
O4 SO4 O . 11.83 8.20 0.85
C1 GOL P . 21.13 7.83 -15.73
O1 GOL P . 20.48 6.76 -16.31
C2 GOL P . 20.14 8.44 -14.71
O2 GOL P . 19.88 9.80 -15.04
C3 GOL P . 20.85 8.31 -13.40
O3 GOL P . 21.11 9.63 -12.90
H2 GOL P . 19.29 7.97 -14.71
HO2 GOL P . 20.35 10.02 -15.73
H31 GOL P . 21.65 7.79 -13.53
H32 GOL P . 20.30 7.78 -12.80
HO3 GOL P . 20.76 10.16 -13.46
S SO4 Q . 23.92 -18.19 -26.64
O1 SO4 Q . 24.74 -17.88 -27.80
O2 SO4 Q . 22.55 -18.49 -27.09
O3 SO4 Q . 24.47 -19.35 -25.94
O4 SO4 Q . 23.90 -17.05 -25.72
#